data_8ZV8
#
_entry.id   8ZV8
#
_cell.length_a   93.896
_cell.length_b   93.896
_cell.length_c   364.118
_cell.angle_alpha   90.000
_cell.angle_beta   90.000
_cell.angle_gamma   90.000
#
_symmetry.space_group_name_H-M   'P 41 2 2'
#
loop_
_entity.id
_entity.type
_entity.pdbx_description
1 polymer Elongin-B
2 polymer Elongin-C
3 polymer 'von Hippel-Lindau disease tumor suppressor'
4 non-polymer 4-(hydroxymethyl)-7-oxidanyl-chromen-2-one
5 water water
#
loop_
_entity_poly.entity_id
_entity_poly.type
_entity_poly.pdbx_seq_one_letter_code
_entity_poly.pdbx_strand_id
1 'polypeptide(L)'
;MDVFLMIRRHKTTIFTDAKESSTVFELKRIVEGILKRPPDEQRLYKDDQLLDDGKTLGE(CAS)GFTSQTARPQAPATVG
LAFRADDTFEAL(CAS)IEPFSSPPELPDVMK
;
A,D,G,J
2 'polypeptide(L)'
;MMYVKLISSDGHEFIVKREHALTSGTIKAMLSGPGQFAENETNEVNFREIPSHVLSKVCMYFTYKVRYTNSSTEIPEFPI
APEIALELLMAANFLDC
;
B,E,H,K
3 'polypeptide(L)'
;GSMEAGRPRPVLRSVNSREPSQVIF(CAS)NRSPRVVLPVWLNFDGEPQPYPTLPPGTGRRIHSYRGHLWLFRDAGTHDG
LLVNQTELFVPSLNVDGQPIFANITLPVYTLKERCLQVVRSLVKPENYRRLDIVRSLYEDLEDHPNVQKDLERLTQERIA
HQRMGD
;
C,F,I,L
#
# COMPACT_ATOMS: atom_id res chain seq x y z
N MET A 1 -7.66 -23.35 -35.01
CA MET A 1 -7.93 -23.31 -33.58
C MET A 1 -9.38 -23.66 -33.29
N ASP A 2 -9.61 -24.28 -32.13
CA ASP A 2 -10.95 -24.69 -31.73
C ASP A 2 -11.68 -23.55 -31.05
N VAL A 3 -12.95 -23.37 -31.42
CA VAL A 3 -13.87 -22.49 -30.71
C VAL A 3 -14.95 -23.36 -30.09
N PHE A 4 -15.42 -22.98 -28.90
CA PHE A 4 -16.37 -23.77 -28.14
C PHE A 4 -17.69 -23.01 -28.01
N LEU A 5 -18.79 -23.67 -28.39
CA LEU A 5 -20.06 -23.00 -28.63
C LEU A 5 -21.20 -23.67 -27.90
N MET A 6 -22.23 -22.86 -27.63
CA MET A 6 -23.57 -23.32 -27.26
C MET A 6 -24.51 -22.90 -28.38
N ILE A 7 -25.03 -23.88 -29.12
CA ILE A 7 -26.03 -23.62 -30.16
C ILE A 7 -27.40 -23.77 -29.50
N ARG A 8 -28.14 -22.66 -29.41
CA ARG A 8 -29.32 -22.57 -28.58
C ARG A 8 -30.54 -22.18 -29.41
N ARG A 9 -31.64 -22.92 -29.20
CA ARG A 9 -32.95 -22.54 -29.73
C ARG A 9 -34.00 -23.01 -28.74
N HIS A 10 -34.94 -22.13 -28.41
CA HIS A 10 -36.02 -22.44 -27.48
C HIS A 10 -35.46 -22.97 -26.16
N LYS A 11 -35.76 -24.23 -25.85
CA LYS A 11 -35.21 -24.90 -24.68
C LYS A 11 -34.20 -25.98 -25.07
N THR A 12 -33.48 -25.77 -26.18
CA THR A 12 -32.44 -26.67 -26.64
C THR A 12 -31.10 -25.95 -26.61
N THR A 13 -30.06 -26.66 -26.17
CA THR A 13 -28.70 -26.11 -26.11
C THR A 13 -27.72 -27.21 -26.46
N ILE A 14 -26.97 -27.03 -27.55
CA ILE A 14 -25.96 -27.99 -27.99
C ILE A 14 -24.58 -27.46 -27.62
N PHE A 15 -23.81 -28.26 -26.88
CA PHE A 15 -22.41 -27.96 -26.60
C PHE A 15 -21.56 -28.67 -27.64
N THR A 16 -20.83 -27.91 -28.44
CA THR A 16 -19.95 -28.50 -29.43
C THR A 16 -18.81 -27.53 -29.71
N ASP A 17 -17.78 -28.02 -30.39
CA ASP A 17 -16.67 -27.19 -30.81
C ASP A 17 -16.57 -27.18 -32.33
N ALA A 18 -15.74 -26.28 -32.85
CA ALA A 18 -15.49 -26.19 -34.28
C ALA A 18 -14.20 -25.41 -34.50
N LYS A 19 -13.67 -25.54 -35.71
CA LYS A 19 -12.49 -24.77 -36.09
C LYS A 19 -12.86 -23.32 -36.34
N GLU A 20 -11.96 -22.42 -35.95
CA GLU A 20 -12.18 -21.01 -36.25
C GLU A 20 -12.31 -20.75 -37.74
N SER A 21 -11.73 -21.61 -38.58
CA SER A 21 -11.80 -21.48 -40.03
C SER A 21 -13.02 -22.16 -40.64
N SER A 22 -13.81 -22.88 -39.85
CA SER A 22 -15.00 -23.54 -40.40
C SER A 22 -16.09 -22.52 -40.67
N THR A 23 -16.99 -22.87 -41.59
CA THR A 23 -17.96 -21.90 -42.07
C THR A 23 -19.29 -22.06 -41.34
N VAL A 24 -20.13 -21.02 -41.47
CA VAL A 24 -21.47 -21.05 -40.87
C VAL A 24 -22.27 -22.22 -41.42
N PHE A 25 -22.15 -22.47 -42.73
CA PHE A 25 -22.89 -23.59 -43.32
C PHE A 25 -22.40 -24.92 -42.76
N GLU A 26 -21.08 -25.07 -42.57
CA GLU A 26 -20.56 -26.30 -42.00
C GLU A 26 -21.06 -26.49 -40.57
N LEU A 27 -21.27 -25.39 -39.83
CA LEU A 27 -21.88 -25.51 -38.51
C LEU A 27 -23.33 -25.98 -38.60
N LYS A 28 -24.06 -25.50 -39.62
CA LYS A 28 -25.42 -26.00 -39.85
C LYS A 28 -25.43 -27.49 -40.14
N ARG A 29 -24.37 -28.01 -40.77
CA ARG A 29 -24.29 -29.45 -41.00
C ARG A 29 -24.13 -30.20 -39.69
N ILE A 30 -23.35 -29.64 -38.75
CA ILE A 30 -23.24 -30.24 -37.42
C ILE A 30 -24.60 -30.29 -36.74
N VAL A 31 -25.35 -29.18 -36.79
CA VAL A 31 -26.70 -29.17 -36.24
C VAL A 31 -27.58 -30.20 -36.92
N GLU A 32 -27.41 -30.36 -38.24
CA GLU A 32 -28.22 -31.33 -38.98
C GLU A 32 -28.04 -32.74 -38.44
N GLY A 33 -26.80 -33.14 -38.15
CA GLY A 33 -26.57 -34.47 -37.63
C GLY A 33 -27.19 -34.71 -36.27
N ILE A 34 -27.41 -33.66 -35.49
CA ILE A 34 -27.92 -33.77 -34.13
C ILE A 34 -29.43 -33.63 -34.06
N LEU A 35 -29.97 -32.59 -34.69
CA LEU A 35 -31.40 -32.29 -34.59
C LEU A 35 -32.19 -32.77 -35.79
N LYS A 36 -31.54 -33.38 -36.79
CA LYS A 36 -32.21 -33.95 -37.96
C LYS A 36 -33.02 -32.88 -38.70
N ARG A 37 -32.37 -31.78 -39.05
CA ARG A 37 -32.97 -30.72 -39.85
C ARG A 37 -31.92 -30.22 -40.84
N PRO A 38 -32.26 -30.10 -42.11
CA PRO A 38 -31.27 -29.69 -43.12
C PRO A 38 -30.87 -28.25 -42.95
N PRO A 39 -29.70 -27.85 -43.46
CA PRO A 39 -29.25 -26.45 -43.29
C PRO A 39 -30.20 -25.43 -43.91
N ASP A 40 -30.87 -25.76 -45.01
CA ASP A 40 -31.76 -24.79 -45.64
C ASP A 40 -32.96 -24.43 -44.75
N GLU A 41 -33.26 -25.24 -43.75
CA GLU A 41 -34.31 -24.94 -42.78
C GLU A 41 -33.76 -24.36 -41.48
N GLN A 42 -32.51 -23.90 -41.50
CA GLN A 42 -31.83 -23.39 -40.32
C GLN A 42 -31.37 -21.95 -40.55
N ARG A 43 -31.50 -21.13 -39.52
CA ARG A 43 -30.89 -19.81 -39.48
C ARG A 43 -30.00 -19.75 -38.25
N LEU A 44 -28.78 -19.25 -38.42
CA LEU A 44 -27.84 -19.09 -37.32
C LEU A 44 -27.62 -17.61 -37.04
N TYR A 45 -27.45 -17.28 -35.76
CA TYR A 45 -27.36 -15.90 -35.30
C TYR A 45 -26.22 -15.72 -34.32
N LYS A 46 -25.55 -14.58 -34.40
CA LYS A 46 -24.69 -14.07 -33.34
C LYS A 46 -25.43 -12.90 -32.72
N ASP A 47 -25.90 -13.08 -31.48
CA ASP A 47 -26.86 -12.17 -30.87
C ASP A 47 -28.07 -12.06 -31.80
N ASP A 48 -28.28 -10.90 -32.40
CA ASP A 48 -29.41 -10.67 -33.27
C ASP A 48 -29.03 -10.64 -34.75
N GLN A 49 -27.76 -10.83 -35.08
CA GLN A 49 -27.28 -10.71 -36.45
C GLN A 49 -27.35 -12.05 -37.16
N LEU A 50 -27.98 -12.06 -38.33
CA LEU A 50 -28.05 -13.26 -39.14
C LEU A 50 -26.69 -13.56 -39.77
N LEU A 51 -26.28 -14.83 -39.71
CA LEU A 51 -24.98 -15.24 -40.21
C LEU A 51 -25.09 -15.81 -41.62
N ASP A 52 -24.14 -15.45 -42.48
CA ASP A 52 -24.12 -15.90 -43.86
C ASP A 52 -23.36 -17.23 -43.97
N ASP A 53 -23.89 -18.12 -44.83
CA ASP A 53 -23.39 -19.50 -44.91
C ASP A 53 -21.92 -19.58 -45.31
N GLY A 54 -21.41 -18.59 -46.05
CA GLY A 54 -20.05 -18.65 -46.54
C GLY A 54 -18.99 -18.08 -45.61
N LYS A 55 -19.39 -17.38 -44.57
CA LYS A 55 -18.44 -16.71 -43.68
C LYS A 55 -17.94 -17.68 -42.60
N THR A 56 -16.66 -17.58 -42.28
CA THR A 56 -16.08 -18.42 -41.25
C THR A 56 -16.48 -17.93 -39.86
N LEU A 57 -16.44 -18.86 -38.90
CA LEU A 57 -16.78 -18.50 -37.53
C LEU A 57 -15.87 -17.40 -36.99
N GLY A 58 -14.58 -17.43 -37.38
CA GLY A 58 -13.66 -16.37 -36.96
C GLY A 58 -14.03 -15.00 -37.48
N GLU A 59 -14.55 -14.92 -38.71
CA GLU A 59 -15.04 -13.67 -39.27
C GLU A 59 -16.24 -13.15 -38.49
N GLY A 61 -16.70 -13.32 -35.35
CA GLY A 61 -16.36 -12.98 -33.98
C GLY A 61 -16.28 -14.15 -33.02
N PHE A 62 -16.24 -15.37 -33.54
CA PHE A 62 -16.07 -16.58 -32.73
C PHE A 62 -14.60 -16.96 -32.76
N THR A 63 -13.83 -16.40 -31.83
CA THR A 63 -12.41 -16.65 -31.76
C THR A 63 -12.09 -17.60 -30.61
N SER A 64 -10.93 -18.27 -30.73
CA SER A 64 -10.58 -19.30 -29.75
C SER A 64 -10.41 -18.72 -28.36
N GLN A 65 -10.05 -17.44 -28.26
CA GLN A 65 -9.82 -16.82 -26.97
C GLN A 65 -11.09 -16.22 -26.35
N THR A 66 -12.19 -16.11 -27.11
CA THR A 66 -13.47 -15.71 -26.53
C THR A 66 -14.46 -16.86 -26.39
N ALA A 67 -14.44 -17.82 -27.31
CA ALA A 67 -15.30 -19.00 -27.22
C ALA A 67 -14.52 -20.14 -26.55
N ARG A 68 -14.35 -20.00 -25.23
CA ARG A 68 -13.51 -20.87 -24.42
C ARG A 68 -14.29 -22.09 -23.94
N PRO A 69 -13.60 -23.18 -23.56
CA PRO A 69 -14.33 -24.37 -23.10
C PRO A 69 -15.16 -24.13 -21.85
N GLN A 70 -14.63 -23.42 -20.86
CA GLN A 70 -15.36 -23.13 -19.63
C GLN A 70 -16.30 -21.94 -19.76
N ALA A 71 -16.33 -21.28 -20.92
CA ALA A 71 -17.24 -20.15 -21.15
C ALA A 71 -17.51 -20.06 -22.64
N PRO A 72 -18.33 -20.95 -23.18
CA PRO A 72 -18.52 -21.02 -24.63
C PRO A 72 -19.42 -19.91 -25.16
N ALA A 73 -19.21 -19.58 -26.43
CA ALA A 73 -19.99 -18.57 -27.10
C ALA A 73 -21.36 -19.13 -27.48
N THR A 74 -22.34 -18.24 -27.59
CA THR A 74 -23.71 -18.63 -27.90
C THR A 74 -24.00 -18.32 -29.37
N VAL A 75 -24.50 -19.33 -30.08
CA VAL A 75 -24.97 -19.18 -31.45
C VAL A 75 -26.48 -19.41 -31.43
N GLY A 76 -27.25 -18.42 -31.87
CA GLY A 76 -28.70 -18.57 -31.92
C GLY A 76 -29.13 -19.42 -33.11
N LEU A 77 -30.11 -20.29 -32.86
CA LEU A 77 -30.66 -21.16 -33.88
C LEU A 77 -32.15 -20.85 -34.06
N ALA A 78 -32.62 -20.94 -35.31
CA ALA A 78 -34.02 -20.75 -35.64
C ALA A 78 -34.41 -21.66 -36.80
N PHE A 79 -35.50 -22.39 -36.63
CA PHE A 79 -35.97 -23.36 -37.63
C PHE A 79 -37.02 -22.74 -38.53
N ARG A 80 -37.22 -23.38 -39.69
CA ARG A 80 -38.25 -22.97 -40.65
C ARG A 80 -39.48 -23.86 -40.55
N THR A 84 -42.26 -20.71 -43.88
CA THR A 84 -41.56 -19.52 -43.39
C THR A 84 -40.73 -19.83 -42.15
N PHE A 85 -39.81 -18.93 -41.81
CA PHE A 85 -38.92 -19.11 -40.67
C PHE A 85 -39.52 -18.51 -39.41
N GLU A 86 -39.42 -19.25 -38.31
CA GLU A 86 -39.83 -18.71 -37.01
C GLU A 86 -38.88 -17.59 -36.60
N ALA A 87 -39.33 -16.79 -35.64
CA ALA A 87 -38.48 -15.77 -35.06
C ALA A 87 -37.48 -16.40 -34.09
N LEU A 88 -36.33 -15.74 -33.92
CA LEU A 88 -35.31 -16.23 -33.01
C LEU A 88 -35.81 -16.21 -31.58
N ILE A 90 -34.89 -17.78 -27.71
CA ILE A 90 -33.99 -18.50 -26.82
C ILE A 90 -34.48 -18.38 -25.39
N GLU A 91 -34.97 -19.48 -24.83
CA GLU A 91 -35.50 -19.44 -23.48
C GLU A 91 -34.36 -19.27 -22.48
N PRO A 92 -34.42 -18.27 -21.61
CA PRO A 92 -33.32 -18.08 -20.65
C PRO A 92 -33.25 -19.25 -19.67
N PHE A 93 -32.07 -19.40 -19.08
CA PHE A 93 -31.89 -20.35 -18.01
C PHE A 93 -32.61 -19.86 -16.75
N SER A 94 -32.87 -20.80 -15.84
CA SER A 94 -33.55 -20.46 -14.60
C SER A 94 -32.71 -19.46 -13.79
N SER A 95 -33.38 -18.75 -12.89
CA SER A 95 -32.63 -17.77 -12.11
C SER A 95 -32.15 -18.40 -10.81
N PRO A 96 -30.91 -18.10 -10.39
CA PRO A 96 -30.41 -18.62 -9.13
C PRO A 96 -31.10 -17.94 -7.96
N PRO A 97 -31.14 -18.58 -6.79
CA PRO A 97 -31.80 -17.96 -5.63
C PRO A 97 -30.99 -16.82 -5.05
N GLU A 98 -31.50 -16.22 -3.98
CA GLU A 98 -30.77 -15.15 -3.29
C GLU A 98 -29.55 -15.72 -2.57
N LEU A 99 -28.54 -14.88 -2.42
CA LEU A 99 -27.33 -15.26 -1.69
C LEU A 99 -27.65 -15.47 -0.22
N PRO A 100 -27.37 -16.66 0.36
CA PRO A 100 -27.61 -16.95 1.77
C PRO A 100 -26.87 -16.03 2.74
N MET B 2 -21.57 -38.99 -31.66
CA MET B 2 -22.62 -39.48 -30.78
C MET B 2 -22.86 -38.50 -29.64
N TYR B 3 -24.13 -38.17 -29.41
CA TYR B 3 -24.54 -37.21 -28.41
C TYR B 3 -25.58 -37.82 -27.48
N VAL B 4 -25.69 -37.23 -26.29
CA VAL B 4 -26.73 -37.60 -25.34
C VAL B 4 -27.46 -36.33 -24.93
N LYS B 5 -28.63 -36.52 -24.32
CA LYS B 5 -29.47 -35.41 -23.90
C LYS B 5 -29.58 -35.41 -22.38
N LEU B 6 -29.25 -34.28 -21.76
CA LEU B 6 -29.36 -34.09 -20.32
C LEU B 6 -30.42 -33.03 -20.09
N ILE B 7 -31.55 -33.41 -19.47
CA ILE B 7 -32.67 -32.51 -19.26
C ILE B 7 -32.65 -32.02 -17.82
N SER B 8 -32.73 -30.70 -17.66
CA SER B 8 -32.74 -30.10 -16.33
C SER B 8 -34.12 -30.23 -15.72
N SER B 9 -34.26 -29.74 -14.47
CA SER B 9 -35.55 -29.84 -13.80
C SER B 9 -36.60 -28.94 -14.44
N ASP B 10 -36.17 -27.81 -15.02
CA ASP B 10 -37.10 -26.86 -15.64
C ASP B 10 -37.29 -27.09 -17.14
N GLY B 11 -36.91 -28.26 -17.66
CA GLY B 11 -37.21 -28.63 -19.03
C GLY B 11 -36.13 -28.34 -20.06
N HIS B 12 -35.09 -27.59 -19.72
CA HIS B 12 -34.04 -27.29 -20.68
C HIS B 12 -33.30 -28.55 -21.10
N GLU B 13 -33.07 -28.70 -22.40
CA GLU B 13 -32.49 -29.91 -22.97
C GLU B 13 -31.07 -29.62 -23.45
N PHE B 14 -30.08 -30.11 -22.72
CA PHE B 14 -28.68 -29.94 -23.06
C PHE B 14 -28.17 -31.17 -23.80
N ILE B 15 -27.60 -30.95 -24.99
CA ILE B 15 -27.13 -32.01 -25.87
C ILE B 15 -25.61 -31.90 -25.93
N VAL B 16 -24.93 -32.85 -25.30
CA VAL B 16 -23.48 -32.88 -25.24
C VAL B 16 -22.99 -34.20 -25.80
N LYS B 17 -21.69 -34.25 -26.09
CA LYS B 17 -21.09 -35.47 -26.62
C LYS B 17 -21.15 -36.59 -25.58
N ARG B 18 -21.28 -37.82 -26.08
CA ARG B 18 -21.45 -38.97 -25.19
C ARG B 18 -20.25 -39.14 -24.26
N GLU B 19 -19.04 -39.07 -24.83
CA GLU B 19 -17.84 -39.26 -24.00
C GLU B 19 -17.68 -38.15 -22.98
N HIS B 20 -18.20 -36.95 -23.28
CA HIS B 20 -18.16 -35.88 -22.30
C HIS B 20 -19.05 -36.20 -21.10
N ALA B 21 -20.23 -36.76 -21.35
CA ALA B 21 -21.15 -37.08 -20.26
C ALA B 21 -20.66 -38.26 -19.43
N LEU B 22 -19.90 -39.17 -20.04
CA LEU B 22 -19.36 -40.32 -19.32
C LEU B 22 -18.30 -39.95 -18.30
N THR B 23 -17.90 -38.67 -18.22
CA THR B 23 -17.00 -38.25 -17.15
C THR B 23 -17.61 -38.52 -15.78
N SER B 24 -18.90 -38.26 -15.64
CA SER B 24 -19.61 -38.56 -14.40
C SER B 24 -20.03 -40.03 -14.40
N GLY B 25 -19.64 -40.76 -13.36
CA GLY B 25 -20.06 -42.15 -13.25
C GLY B 25 -21.55 -42.30 -13.02
N THR B 26 -22.16 -41.33 -12.34
CA THR B 26 -23.60 -41.36 -12.11
C THR B 26 -24.36 -41.29 -13.44
N ILE B 27 -23.90 -40.44 -14.37
CA ILE B 27 -24.60 -40.30 -15.64
C ILE B 27 -24.46 -41.55 -16.48
N LYS B 28 -23.29 -42.21 -16.42
CA LYS B 28 -23.11 -43.45 -17.17
C LYS B 28 -24.07 -44.53 -16.69
N ALA B 29 -24.33 -44.57 -15.37
CA ALA B 29 -25.30 -45.52 -14.85
C ALA B 29 -26.71 -45.16 -15.28
N MET B 30 -27.04 -43.86 -15.34
CA MET B 30 -28.36 -43.44 -15.79
C MET B 30 -28.55 -43.63 -17.28
N LEU B 31 -27.46 -43.78 -18.04
CA LEU B 31 -27.56 -44.06 -19.47
C LEU B 31 -27.59 -45.56 -19.76
N SER B 32 -27.01 -46.37 -18.88
CA SER B 32 -26.95 -47.82 -19.06
C SER B 32 -27.62 -48.53 -17.89
N ASN B 43 -31.35 -42.61 -25.13
CA ASN B 43 -30.26 -42.14 -24.28
C ASN B 43 -30.50 -40.69 -23.83
N GLU B 44 -31.49 -40.51 -22.95
CA GLU B 44 -31.76 -39.24 -22.32
C GLU B 44 -31.71 -39.42 -20.82
N VAL B 45 -31.34 -38.35 -20.11
CA VAL B 45 -31.31 -38.35 -18.65
C VAL B 45 -32.10 -37.16 -18.16
N ASN B 46 -33.01 -37.38 -17.23
CA ASN B 46 -33.81 -36.33 -16.61
C ASN B 46 -33.30 -36.07 -15.21
N PHE B 47 -32.98 -34.82 -14.91
CA PHE B 47 -32.46 -34.43 -13.60
C PHE B 47 -33.53 -33.62 -12.89
N ARG B 48 -34.25 -34.29 -11.97
CA ARG B 48 -35.35 -33.63 -11.27
C ARG B 48 -34.88 -32.60 -10.26
N GLU B 49 -33.62 -32.66 -9.83
CA GLU B 49 -33.12 -31.78 -8.79
C GLU B 49 -32.15 -30.73 -9.29
N ILE B 50 -31.79 -30.72 -10.57
CA ILE B 50 -30.76 -29.83 -11.08
C ILE B 50 -31.41 -28.85 -12.06
N PRO B 51 -31.52 -27.58 -11.72
CA PRO B 51 -32.09 -26.60 -12.65
C PRO B 51 -31.11 -26.29 -13.79
N SER B 52 -31.62 -25.54 -14.77
CA SER B 52 -30.86 -25.31 -15.99
C SER B 52 -29.59 -24.49 -15.72
N HIS B 53 -29.70 -23.45 -14.90
CA HIS B 53 -28.54 -22.59 -14.60
C HIS B 53 -27.43 -23.33 -13.85
N VAL B 54 -27.69 -24.55 -13.37
CA VAL B 54 -26.67 -25.40 -12.80
C VAL B 54 -26.18 -26.43 -13.80
N LEU B 55 -27.10 -27.08 -14.51
CA LEU B 55 -26.73 -28.10 -15.48
C LEU B 55 -25.92 -27.52 -16.64
N SER B 56 -26.19 -26.27 -17.01
CA SER B 56 -25.38 -25.64 -18.06
C SER B 56 -23.92 -25.50 -17.62
N LYS B 57 -23.69 -25.18 -16.35
CA LYS B 57 -22.33 -25.10 -15.85
C LYS B 57 -21.67 -26.48 -15.84
N VAL B 58 -22.43 -27.52 -15.48
CA VAL B 58 -21.89 -28.87 -15.50
C VAL B 58 -21.39 -29.25 -16.89
N CYS B 59 -22.19 -28.94 -17.92
CA CYS B 59 -21.77 -29.23 -19.28
C CYS B 59 -20.54 -28.41 -19.67
N MET B 60 -20.48 -27.15 -19.23
CA MET B 60 -19.28 -26.35 -19.47
C MET B 60 -18.06 -26.99 -18.82
N TYR B 61 -18.24 -27.63 -17.67
CA TYR B 61 -17.13 -28.32 -17.01
C TYR B 61 -16.69 -29.56 -17.79
N PHE B 62 -17.63 -30.26 -18.43
CA PHE B 62 -17.27 -31.40 -19.27
C PHE B 62 -16.28 -30.97 -20.35
N THR B 63 -16.64 -29.94 -21.12
CA THR B 63 -15.71 -29.43 -22.14
C THR B 63 -14.42 -28.94 -21.51
N TYR B 64 -14.53 -28.23 -20.38
CA TYR B 64 -13.34 -27.74 -19.69
C TYR B 64 -12.44 -28.88 -19.23
N LYS B 65 -13.04 -29.97 -18.74
CA LYS B 65 -12.24 -31.08 -18.22
C LYS B 65 -11.58 -31.87 -19.35
N VAL B 66 -12.31 -32.11 -20.43
CA VAL B 66 -11.75 -32.91 -21.51
C VAL B 66 -10.64 -32.16 -22.24
N ARG B 67 -10.75 -30.83 -22.29
CA ARG B 67 -9.80 -30.03 -23.05
C ARG B 67 -8.46 -29.86 -22.32
N TYR B 68 -8.51 -29.69 -21.00
CA TYR B 68 -7.31 -29.37 -20.22
C TYR B 68 -6.76 -30.55 -19.45
N THR B 69 -7.31 -31.74 -19.63
CA THR B 69 -6.77 -32.93 -18.99
C THR B 69 -5.59 -33.49 -19.77
N THR B 73 -0.29 -26.82 -21.99
CA THR B 73 -0.59 -25.40 -21.91
C THR B 73 -1.03 -25.03 -20.50
N GLU B 74 -0.95 -23.74 -20.17
CA GLU B 74 -1.39 -23.26 -18.87
C GLU B 74 -2.91 -23.40 -18.74
N ILE B 75 -3.34 -23.85 -17.57
CA ILE B 75 -4.75 -24.19 -17.32
C ILE B 75 -5.41 -23.02 -16.62
N PRO B 76 -6.51 -22.48 -17.14
CA PRO B 76 -7.19 -21.38 -16.46
C PRO B 76 -8.15 -21.89 -15.39
N GLU B 77 -8.52 -20.98 -14.50
CA GLU B 77 -9.43 -21.29 -13.42
C GLU B 77 -10.83 -21.53 -13.95
N PHE B 78 -11.50 -22.54 -13.39
CA PHE B 78 -12.90 -22.77 -13.74
C PHE B 78 -13.78 -21.79 -12.97
N PRO B 79 -14.49 -20.89 -13.63
CA PRO B 79 -15.23 -19.85 -12.91
C PRO B 79 -16.55 -20.38 -12.36
N ILE B 80 -16.84 -19.98 -11.13
CA ILE B 80 -18.10 -20.32 -10.46
C ILE B 80 -18.62 -19.05 -9.80
N ALA B 81 -19.73 -18.53 -10.30
CA ALA B 81 -20.34 -17.36 -9.68
C ALA B 81 -20.80 -17.71 -8.27
N PRO B 82 -20.72 -16.77 -7.32
CA PRO B 82 -21.13 -17.10 -5.94
C PRO B 82 -22.60 -17.48 -5.82
N GLU B 83 -23.47 -16.98 -6.71
CA GLU B 83 -24.90 -17.26 -6.60
C GLU B 83 -25.24 -18.72 -6.89
N ILE B 84 -24.41 -19.40 -7.70
CA ILE B 84 -24.68 -20.76 -8.12
C ILE B 84 -23.73 -21.75 -7.46
N ALA B 85 -22.89 -21.31 -6.53
CA ALA B 85 -21.90 -22.19 -5.93
C ALA B 85 -22.56 -23.29 -5.11
N LEU B 86 -23.54 -22.94 -4.29
CA LEU B 86 -24.15 -23.95 -3.42
C LEU B 86 -24.90 -25.01 -4.21
N GLU B 87 -25.68 -24.60 -5.21
CA GLU B 87 -26.42 -25.57 -6.01
C GLU B 87 -25.48 -26.43 -6.85
N LEU B 88 -24.49 -25.81 -7.48
CA LEU B 88 -23.50 -26.59 -8.23
C LEU B 88 -22.76 -27.57 -7.33
N LEU B 89 -22.51 -27.19 -6.07
CA LEU B 89 -21.86 -28.12 -5.15
C LEU B 89 -22.71 -29.36 -4.92
N MET B 90 -24.02 -29.18 -4.70
CA MET B 90 -24.88 -30.33 -4.48
C MET B 90 -24.96 -31.23 -5.72
N ALA B 91 -25.07 -30.61 -6.90
CA ALA B 91 -25.10 -31.40 -8.13
C ALA B 91 -23.79 -32.14 -8.36
N ALA B 92 -22.66 -31.46 -8.16
CA ALA B 92 -21.37 -32.11 -8.33
C ALA B 92 -21.18 -33.25 -7.34
N ASN B 93 -21.68 -33.08 -6.11
CA ASN B 93 -21.59 -34.15 -5.12
C ASN B 93 -22.43 -35.36 -5.54
N PHE B 94 -23.65 -35.12 -6.03
CA PHE B 94 -24.52 -36.22 -6.46
C PHE B 94 -23.96 -36.92 -7.69
N LEU B 95 -23.46 -36.15 -8.67
CA LEU B 95 -22.91 -36.72 -9.89
C LEU B 95 -21.49 -37.21 -9.72
N ASP B 96 -20.83 -36.87 -8.61
CA ASP B 96 -19.47 -37.32 -8.32
C ASP B 96 -18.51 -36.92 -9.44
N CYS B 97 -18.60 -35.67 -9.87
CA CYS B 97 -17.70 -35.18 -10.91
C CYS B 97 -16.90 -33.97 -10.43
N LEU C 12 8.88 -39.64 3.33
CA LEU C 12 9.03 -38.52 2.41
C LEU C 12 9.92 -37.43 3.00
N ARG C 13 11.20 -37.47 2.63
CA ARG C 13 12.18 -36.53 3.15
C ARG C 13 13.15 -36.15 2.04
N SER C 14 13.85 -35.04 2.24
CA SER C 14 14.89 -34.63 1.31
C SER C 14 16.17 -35.41 1.59
N VAL C 15 16.92 -35.67 0.52
CA VAL C 15 18.22 -36.33 0.61
C VAL C 15 19.28 -35.27 0.87
N ASN C 16 20.04 -35.43 1.96
CA ASN C 16 21.11 -34.50 2.33
C ASN C 16 22.31 -34.71 1.41
N SER C 17 22.16 -34.27 0.16
CA SER C 17 23.17 -34.54 -0.84
C SER C 17 24.27 -33.49 -0.82
N ARG C 18 23.96 -32.28 -0.35
CA ARG C 18 24.84 -31.12 -0.36
C ARG C 18 25.30 -30.73 -1.76
N GLU C 19 24.67 -31.26 -2.80
CA GLU C 19 25.01 -30.90 -4.17
C GLU C 19 24.09 -29.79 -4.64
N PRO C 20 24.59 -28.55 -4.79
CA PRO C 20 23.69 -27.44 -5.12
C PRO C 20 22.94 -27.68 -6.42
N SER C 21 21.70 -27.20 -6.46
CA SER C 21 20.86 -27.32 -7.65
C SER C 21 20.12 -26.01 -7.84
N GLN C 22 20.34 -25.35 -8.97
CA GLN C 22 19.68 -24.10 -9.28
C GLN C 22 18.25 -24.37 -9.76
N VAL C 23 17.30 -23.63 -9.21
CA VAL C 23 15.88 -23.87 -9.46
C VAL C 23 15.18 -22.53 -9.65
N ILE C 24 14.25 -22.49 -10.61
CA ILE C 24 13.42 -21.31 -10.84
C ILE C 24 11.98 -21.70 -10.52
N PHE C 25 11.42 -21.05 -9.50
CA PHE C 25 10.01 -21.24 -9.14
C PHE C 25 9.13 -20.39 -10.04
N ASN C 27 5.46 -19.44 -11.28
CA ASN C 27 4.05 -19.51 -10.91
C ASN C 27 3.12 -19.21 -12.08
N ARG C 28 2.74 -20.26 -12.81
CA ARG C 28 1.79 -20.16 -13.92
C ARG C 28 0.36 -20.42 -13.46
N SER C 29 -0.02 -19.81 -12.33
CA SER C 29 -1.32 -20.00 -11.71
C SER C 29 -1.83 -18.66 -11.22
N PRO C 30 -3.15 -18.47 -11.16
CA PRO C 30 -3.71 -17.25 -10.58
C PRO C 30 -3.68 -17.20 -9.06
N ARG C 31 -3.03 -18.15 -8.41
CA ARG C 31 -2.99 -18.21 -6.96
C ARG C 31 -1.66 -17.68 -6.43
N VAL C 32 -1.67 -17.27 -5.17
CA VAL C 32 -0.45 -16.97 -4.43
C VAL C 32 0.17 -18.30 -4.02
N VAL C 33 1.26 -18.69 -4.68
CA VAL C 33 1.87 -20.00 -4.46
C VAL C 33 2.71 -19.96 -3.19
N LEU C 34 2.56 -20.99 -2.36
CA LEU C 34 3.39 -21.18 -1.17
C LEU C 34 4.30 -22.37 -1.40
N PRO C 35 5.61 -22.18 -1.58
CA PRO C 35 6.51 -23.32 -1.72
C PRO C 35 6.77 -23.97 -0.37
N VAL C 36 6.83 -25.29 -0.37
CA VAL C 36 7.03 -26.07 0.86
C VAL C 36 8.18 -27.05 0.62
N TRP C 37 9.20 -26.96 1.46
CA TRP C 37 10.35 -27.86 1.40
C TRP C 37 10.23 -28.88 2.52
N LEU C 38 10.39 -30.15 2.17
CA LEU C 38 10.38 -31.23 3.15
C LEU C 38 11.82 -31.46 3.61
N ASN C 39 12.11 -31.10 4.86
CA ASN C 39 13.47 -31.15 5.37
C ASN C 39 13.90 -32.62 5.55
N PHE C 40 15.05 -32.83 6.19
CA PHE C 40 15.64 -34.16 6.29
C PHE C 40 14.91 -35.06 7.27
N ASP C 41 13.93 -34.53 8.01
CA ASP C 41 13.11 -35.32 8.91
C ASP C 41 11.66 -35.41 8.43
N GLY C 42 11.38 -35.03 7.18
CA GLY C 42 10.03 -35.05 6.65
C GLY C 42 9.15 -33.89 7.04
N GLU C 43 9.59 -33.03 7.95
CA GLU C 43 8.75 -31.91 8.38
C GLU C 43 8.61 -30.88 7.26
N PRO C 44 7.41 -30.37 7.00
CA PRO C 44 7.23 -29.38 5.92
C PRO C 44 7.72 -28.01 6.37
N GLN C 45 8.51 -27.37 5.51
CA GLN C 45 9.09 -26.06 5.79
C GLN C 45 8.58 -25.06 4.77
N PRO C 46 7.93 -23.97 5.18
CA PRO C 46 7.41 -23.01 4.21
C PRO C 46 8.47 -21.98 3.83
N TYR C 47 8.37 -21.51 2.58
CA TYR C 47 9.26 -20.50 2.05
C TYR C 47 8.42 -19.27 1.68
N PRO C 48 9.03 -18.12 1.38
CA PRO C 48 8.23 -16.95 1.02
C PRO C 48 7.36 -17.22 -0.20
N THR C 49 6.20 -16.57 -0.24
CA THR C 49 5.20 -16.84 -1.25
C THR C 49 5.51 -16.12 -2.56
N LEU C 50 4.94 -16.65 -3.65
CA LEU C 50 5.11 -16.09 -4.98
C LEU C 50 3.77 -15.54 -5.49
N PRO C 51 3.67 -14.24 -5.77
CA PRO C 51 2.43 -13.71 -6.36
C PRO C 51 2.15 -14.37 -7.71
N PRO C 52 0.91 -14.32 -8.18
CA PRO C 52 0.58 -14.98 -9.45
C PRO C 52 1.39 -14.41 -10.61
N GLY C 53 1.83 -15.30 -11.50
CA GLY C 53 2.57 -14.88 -12.68
C GLY C 53 3.98 -14.41 -12.43
N THR C 54 4.49 -14.56 -11.21
CA THR C 54 5.84 -14.13 -10.85
C THR C 54 6.75 -15.33 -10.70
N GLY C 55 8.05 -15.10 -10.88
CA GLY C 55 9.05 -16.15 -10.76
C GLY C 55 10.11 -15.78 -9.73
N ARG C 56 10.91 -16.78 -9.37
CA ARG C 56 11.94 -16.60 -8.36
C ARG C 56 13.01 -17.66 -8.54
N ARG C 57 14.26 -17.23 -8.69
CA ARG C 57 15.39 -18.15 -8.70
C ARG C 57 15.78 -18.43 -7.26
N ILE C 58 15.75 -19.71 -6.87
CA ILE C 58 16.07 -20.10 -5.50
C ILE C 58 17.22 -21.10 -5.55
N HIS C 59 17.90 -21.23 -4.40
CA HIS C 59 19.05 -22.12 -4.25
C HIS C 59 18.60 -23.35 -3.49
N SER C 60 18.65 -24.51 -4.14
CA SER C 60 18.27 -25.76 -3.52
C SER C 60 19.39 -26.78 -3.79
N TYR C 61 19.09 -28.05 -3.58
CA TYR C 61 20.07 -29.11 -3.72
C TYR C 61 19.44 -30.31 -4.41
N ARG C 62 20.29 -31.15 -5.00
CA ARG C 62 19.80 -32.36 -5.64
C ARG C 62 19.16 -33.29 -4.62
N GLY C 63 18.11 -33.98 -5.04
CA GLY C 63 17.41 -34.92 -4.18
C GLY C 63 16.51 -34.29 -3.15
N HIS C 64 16.32 -32.97 -3.19
CA HIS C 64 15.44 -32.31 -2.24
C HIS C 64 13.99 -32.38 -2.72
N LEU C 65 13.06 -32.29 -1.77
CA LEU C 65 11.64 -32.47 -2.04
C LEU C 65 10.91 -31.15 -1.88
N TRP C 66 10.14 -30.78 -2.90
CA TRP C 66 9.35 -29.55 -2.89
C TRP C 66 7.93 -29.85 -3.33
N LEU C 67 6.97 -29.24 -2.65
CA LEU C 67 5.59 -29.21 -3.09
C LEU C 67 5.06 -27.80 -2.91
N PHE C 68 3.95 -27.49 -3.58
CA PHE C 68 3.44 -26.12 -3.65
C PHE C 68 1.93 -26.12 -3.46
N ARG C 69 1.45 -25.10 -2.76
CA ARG C 69 0.04 -24.98 -2.41
C ARG C 69 -0.41 -23.54 -2.59
N ASP C 70 -1.72 -23.33 -2.53
CA ASP C 70 -2.27 -21.99 -2.42
C ASP C 70 -1.97 -21.44 -1.03
N ALA C 71 -1.34 -20.25 -0.98
CA ALA C 71 -0.87 -19.74 0.30
C ALA C 71 -2.01 -19.42 1.25
N GLY C 72 -3.20 -19.15 0.73
CA GLY C 72 -4.31 -18.73 1.56
C GLY C 72 -5.25 -19.85 1.97
N THR C 73 -5.37 -20.85 1.10
CA THR C 73 -6.33 -21.94 1.29
C THR C 73 -5.68 -23.31 1.29
N HIS C 74 -4.39 -23.42 1.00
CA HIS C 74 -3.64 -24.67 0.96
C HIS C 74 -4.16 -25.63 -0.10
N ASP C 75 -4.92 -25.13 -1.08
CA ASP C 75 -5.33 -25.98 -2.20
C ASP C 75 -4.09 -26.55 -2.90
N GLY C 76 -4.19 -27.80 -3.34
CA GLY C 76 -3.06 -28.43 -3.99
C GLY C 76 -2.78 -27.84 -5.37
N LEU C 77 -1.52 -27.85 -5.75
CA LEU C 77 -1.09 -27.37 -7.06
C LEU C 77 -0.12 -28.38 -7.67
N LEU C 78 0.02 -28.31 -8.99
CA LEU C 78 0.91 -29.19 -9.71
C LEU C 78 2.19 -28.46 -10.07
N VAL C 79 3.32 -29.16 -9.97
CA VAL C 79 4.61 -28.65 -10.40
C VAL C 79 5.16 -29.62 -11.42
N ASN C 80 5.41 -29.12 -12.64
CA ASN C 80 5.81 -29.97 -13.77
C ASN C 80 4.86 -31.17 -13.91
N GLN C 81 3.57 -30.88 -13.79
CA GLN C 81 2.50 -31.88 -13.90
C GLN C 81 2.68 -32.98 -12.86
N GLU C 83 3.09 -33.59 -8.64
CA GLU C 83 2.84 -33.31 -7.23
C GLU C 83 4.12 -32.88 -6.51
N LEU C 84 5.17 -33.68 -6.62
CA LEU C 84 6.44 -33.40 -5.97
C LEU C 84 7.48 -32.95 -7.01
N PHE C 85 8.30 -31.98 -6.62
CA PHE C 85 9.36 -31.46 -7.47
C PHE C 85 10.71 -31.79 -6.84
N VAL C 86 11.54 -32.51 -7.57
CA VAL C 86 12.87 -32.89 -7.08
C VAL C 86 13.93 -32.26 -7.97
N PRO C 87 14.68 -31.27 -7.48
CA PRO C 87 15.76 -30.70 -8.29
C PRO C 87 16.78 -31.77 -8.66
N SER C 88 17.16 -31.78 -9.94
CA SER C 88 18.10 -32.75 -10.48
C SER C 88 19.44 -32.09 -10.78
N LEU C 89 20.24 -32.72 -11.62
CA LEU C 89 21.54 -32.19 -11.99
C LEU C 89 21.39 -31.12 -13.07
N ASN C 90 22.01 -29.96 -12.85
CA ASN C 90 21.93 -28.86 -13.80
C ASN C 90 22.68 -29.18 -15.09
N PRO C 95 19.68 -23.81 -15.08
CA PRO C 95 18.87 -24.12 -13.90
C PRO C 95 17.63 -24.96 -14.23
N ILE C 96 17.10 -25.68 -13.24
CA ILE C 96 15.91 -26.48 -13.44
C ILE C 96 14.67 -25.60 -13.26
N PHE C 97 13.68 -25.82 -14.12
CA PHE C 97 12.47 -25.01 -14.13
C PHE C 97 11.34 -25.76 -13.45
N ALA C 98 10.71 -25.11 -12.47
CA ALA C 98 9.60 -25.69 -11.71
C ALA C 98 8.32 -24.97 -12.11
N ASN C 99 7.59 -25.54 -13.05
CA ASN C 99 6.37 -24.93 -13.57
C ASN C 99 5.20 -25.26 -12.64
N ILE C 100 4.76 -24.27 -11.87
CA ILE C 100 3.63 -24.43 -10.98
C ILE C 100 2.37 -23.99 -11.70
N THR C 101 1.39 -24.89 -11.81
CA THR C 101 0.16 -24.64 -12.54
C THR C 101 -1.05 -25.05 -11.71
N LEU C 102 -2.21 -24.60 -12.15
CA LEU C 102 -3.46 -25.09 -11.60
C LEU C 102 -3.72 -26.50 -12.10
N PRO C 103 -4.07 -27.44 -11.23
CA PRO C 103 -4.57 -28.73 -11.71
C PRO C 103 -6.01 -28.61 -12.18
N VAL C 104 -6.49 -29.65 -12.86
CA VAL C 104 -7.91 -29.75 -13.16
C VAL C 104 -8.63 -30.29 -11.93
N TYR C 105 -9.08 -29.40 -11.05
CA TYR C 105 -9.86 -29.81 -9.90
C TYR C 105 -11.14 -30.50 -10.33
N THR C 106 -11.62 -31.42 -9.50
CA THR C 106 -12.97 -31.95 -9.67
C THR C 106 -13.97 -30.83 -9.46
N LEU C 107 -15.12 -30.92 -10.14
CA LEU C 107 -16.14 -29.90 -9.97
C LEU C 107 -16.59 -29.79 -8.52
N LYS C 108 -16.63 -30.91 -7.79
CA LYS C 108 -17.00 -30.85 -6.38
C LYS C 108 -15.95 -30.06 -5.59
N GLU C 109 -14.68 -30.45 -5.70
CA GLU C 109 -13.63 -29.74 -4.96
C GLU C 109 -13.57 -28.28 -5.36
N ARG C 110 -13.76 -27.98 -6.65
CA ARG C 110 -13.77 -26.59 -7.08
C ARG C 110 -14.92 -25.83 -6.45
N CYS C 111 -16.10 -26.47 -6.33
CA CYS C 111 -17.21 -25.84 -5.64
C CYS C 111 -16.90 -25.64 -4.16
N LEU C 112 -16.29 -26.64 -3.52
CA LEU C 112 -15.92 -26.49 -2.12
C LEU C 112 -14.98 -25.31 -1.93
N GLN C 113 -14.05 -25.12 -2.86
CA GLN C 113 -13.12 -23.99 -2.77
C GLN C 113 -13.87 -22.66 -2.79
N VAL C 114 -14.84 -22.53 -3.68
CA VAL C 114 -15.56 -21.25 -3.80
C VAL C 114 -16.42 -21.01 -2.57
N VAL C 115 -17.12 -22.04 -2.08
CA VAL C 115 -17.95 -21.89 -0.90
C VAL C 115 -17.10 -21.59 0.33
N ARG C 116 -15.94 -22.23 0.44
CA ARG C 116 -15.05 -21.97 1.56
C ARG C 116 -14.61 -20.51 1.61
N SER C 117 -14.44 -19.88 0.46
CA SER C 117 -13.95 -18.51 0.38
C SER C 117 -15.03 -17.46 0.60
N LEU C 118 -16.30 -17.87 0.70
CA LEU C 118 -17.39 -16.93 0.92
C LEU C 118 -18.05 -17.08 2.27
N VAL C 119 -17.87 -18.21 2.94
CA VAL C 119 -18.47 -18.48 4.25
C VAL C 119 -17.36 -18.70 5.26
N LYS C 120 -17.55 -18.15 6.47
CA LYS C 120 -16.64 -18.39 7.57
C LYS C 120 -16.91 -19.77 8.18
N PRO C 121 -15.86 -20.47 8.64
CA PRO C 121 -16.01 -21.82 9.19
C PRO C 121 -16.92 -21.88 10.40
N LEU C 127 -25.75 -23.57 6.34
CA LEU C 127 -26.07 -23.82 4.94
C LEU C 127 -27.12 -24.90 4.83
N ASP C 128 -27.97 -24.80 3.82
CA ASP C 128 -29.03 -25.78 3.58
C ASP C 128 -28.49 -26.88 2.65
N ILE C 129 -27.59 -27.68 3.21
CA ILE C 129 -26.89 -28.74 2.48
C ILE C 129 -26.82 -29.99 3.35
N VAL C 130 -26.60 -31.13 2.69
CA VAL C 130 -26.64 -32.43 3.38
C VAL C 130 -25.49 -32.54 4.38
N ARG C 131 -25.69 -33.39 5.38
CA ARG C 131 -24.71 -33.52 6.46
C ARG C 131 -23.38 -34.06 5.97
N SER C 132 -23.39 -34.83 4.88
CA SER C 132 -22.14 -35.37 4.36
C SER C 132 -21.27 -34.28 3.76
N LEU C 133 -21.90 -33.30 3.10
CA LEU C 133 -21.15 -32.19 2.53
C LEU C 133 -20.71 -31.19 3.59
N TYR C 134 -21.33 -31.21 4.78
CA TYR C 134 -20.86 -30.40 5.89
C TYR C 134 -19.42 -30.78 6.26
N GLU C 135 -19.15 -32.09 6.39
CA GLU C 135 -17.81 -32.54 6.74
C GLU C 135 -16.82 -32.30 5.60
N ASP C 136 -17.30 -32.32 4.35
CA ASP C 136 -16.41 -32.05 3.23
C ASP C 136 -15.90 -30.61 3.27
N LEU C 137 -16.78 -29.66 3.58
CA LEU C 137 -16.35 -28.26 3.71
C LEU C 137 -15.35 -28.09 4.84
N GLU C 138 -15.54 -28.81 5.94
CA GLU C 138 -14.65 -28.69 7.10
C GLU C 138 -13.32 -29.41 6.87
N ASP C 139 -13.30 -30.44 6.02
CA ASP C 139 -12.07 -31.17 5.69
C ASP C 139 -11.24 -30.30 4.74
N HIS C 140 -10.63 -29.26 5.30
CA HIS C 140 -9.83 -28.34 4.52
C HIS C 140 -8.63 -29.05 3.91
N PRO C 141 -8.14 -28.58 2.77
CA PRO C 141 -6.85 -29.08 2.26
C PRO C 141 -5.74 -28.73 3.24
N ASN C 142 -4.79 -29.66 3.40
CA ASN C 142 -3.78 -29.52 4.43
C ASN C 142 -2.55 -30.33 4.02
N VAL C 143 -1.37 -29.77 4.29
CA VAL C 143 -0.13 -30.39 3.82
C VAL C 143 0.10 -31.72 4.55
N GLN C 144 -0.15 -31.75 5.85
CA GLN C 144 0.08 -32.99 6.60
C GLN C 144 -0.84 -34.11 6.14
N LYS C 145 -2.07 -33.77 5.76
CA LYS C 145 -3.00 -34.80 5.26
C LYS C 145 -2.51 -35.37 3.93
N ASP C 146 -2.03 -34.50 3.03
CA ASP C 146 -1.52 -34.99 1.75
C ASP C 146 -0.23 -35.78 1.91
N LEU C 147 0.57 -35.46 2.94
CA LEU C 147 1.83 -36.16 3.13
C LEU C 147 1.60 -37.62 3.51
N GLU C 148 0.62 -37.89 4.35
CA GLU C 148 0.27 -39.27 4.66
C GLU C 148 -0.21 -40.01 3.42
N ARG C 149 -0.86 -39.31 2.50
CA ARG C 149 -1.36 -39.91 1.27
C ARG C 149 -0.21 -40.34 0.37
N MET D 1 -22.53 5.40 0.51
CA MET D 1 -23.02 5.91 1.79
C MET D 1 -24.45 5.45 2.05
N ASP D 2 -24.65 4.80 3.20
CA ASP D 2 -25.95 4.24 3.56
C ASP D 2 -26.80 5.27 4.27
N VAL D 3 -28.05 5.43 3.81
CA VAL D 3 -29.05 6.21 4.51
C VAL D 3 -30.09 5.24 5.07
N PHE D 4 -30.68 5.61 6.20
CA PHE D 4 -31.63 4.76 6.91
C PHE D 4 -32.96 5.49 6.99
N LEU D 5 -34.01 4.86 6.48
CA LEU D 5 -35.26 5.54 6.19
C LEU D 5 -36.42 4.94 6.97
N MET D 6 -37.49 5.73 7.07
CA MET D 6 -38.77 5.31 7.63
C MET D 6 -39.82 5.65 6.58
N ILE D 7 -40.23 4.66 5.79
CA ILE D 7 -41.25 4.88 4.76
C ILE D 7 -42.62 4.71 5.42
N ARG D 8 -43.37 5.80 5.50
CA ARG D 8 -44.61 5.83 6.28
C ARG D 8 -45.78 6.23 5.40
N ARG D 9 -46.85 5.44 5.45
CA ARG D 9 -48.13 5.76 4.83
C ARG D 9 -49.25 5.34 5.77
N HIS D 10 -50.14 6.27 6.09
CA HIS D 10 -51.23 6.04 7.03
C HIS D 10 -50.70 5.52 8.36
N LYS D 11 -51.00 4.25 8.68
CA LYS D 11 -50.53 3.63 9.90
C LYS D 11 -49.42 2.62 9.66
N THR D 12 -48.85 2.61 8.46
CA THR D 12 -47.75 1.72 8.11
C THR D 12 -46.42 2.47 8.25
N THR D 13 -45.37 1.71 8.57
CA THR D 13 -44.02 2.27 8.70
C THR D 13 -43.02 1.18 8.36
N ILE D 14 -42.29 1.36 7.25
CA ILE D 14 -41.30 0.40 6.78
C ILE D 14 -39.92 0.87 7.20
N PHE D 15 -39.16 0.00 7.86
CA PHE D 15 -37.79 0.30 8.26
C PHE D 15 -36.85 -0.37 7.27
N THR D 16 -36.13 0.45 6.51
CA THR D 16 -35.21 -0.06 5.49
C THR D 16 -34.10 0.96 5.30
N ASP D 17 -33.07 0.55 4.58
CA ASP D 17 -31.94 1.41 4.27
C ASP D 17 -31.70 1.42 2.77
N ALA D 18 -30.93 2.40 2.31
CA ALA D 18 -30.60 2.53 0.90
C ALA D 18 -29.29 3.31 0.77
N LYS D 19 -28.79 3.35 -0.44
CA LYS D 19 -27.57 4.10 -0.74
C LYS D 19 -27.92 5.55 -1.09
N GLU D 20 -27.00 6.45 -0.76
CA GLU D 20 -27.19 7.86 -1.11
C GLU D 20 -27.31 8.05 -2.61
N SER D 21 -26.68 7.18 -3.40
CA SER D 21 -26.73 7.26 -4.85
C SER D 21 -27.92 6.55 -5.46
N SER D 22 -28.72 5.85 -4.65
CA SER D 22 -29.91 5.18 -5.17
C SER D 22 -31.00 6.21 -5.45
N THR D 23 -31.80 5.94 -6.49
CA THR D 23 -32.79 6.89 -6.93
C THR D 23 -34.16 6.58 -6.30
N VAL D 24 -35.07 7.55 -6.43
CA VAL D 24 -36.41 7.39 -5.88
C VAL D 24 -37.14 6.22 -6.54
N PHE D 25 -36.87 5.97 -7.83
CA PHE D 25 -37.50 4.84 -8.50
C PHE D 25 -37.03 3.52 -7.89
N GLU D 26 -35.73 3.39 -7.65
CA GLU D 26 -35.22 2.19 -6.98
C GLU D 26 -35.84 2.03 -5.60
N LEU D 27 -36.11 3.13 -4.90
CA LEU D 27 -36.78 3.04 -3.61
C LEU D 27 -38.22 2.58 -3.75
N LYS D 28 -38.89 2.96 -4.84
CA LYS D 28 -40.24 2.47 -5.08
C LYS D 28 -40.24 0.98 -5.40
N ARG D 29 -39.14 0.46 -5.95
CA ARG D 29 -39.04 -0.97 -6.18
C ARG D 29 -38.88 -1.75 -4.87
N ILE D 30 -38.32 -1.11 -3.84
CA ILE D 30 -38.20 -1.76 -2.55
C ILE D 30 -39.55 -1.84 -1.86
N VAL D 31 -40.35 -0.76 -1.95
CA VAL D 31 -41.68 -0.77 -1.37
C VAL D 31 -42.58 -1.75 -2.09
N GLU D 32 -42.32 -2.01 -3.37
CA GLU D 32 -43.18 -2.91 -4.14
C GLU D 32 -43.11 -4.33 -3.60
N GLY D 33 -41.90 -4.82 -3.32
CA GLY D 33 -41.74 -6.14 -2.71
C GLY D 33 -42.29 -6.25 -1.30
N ILE D 34 -42.61 -5.13 -0.66
CA ILE D 34 -43.14 -5.14 0.69
C ILE D 34 -44.63 -4.83 0.66
N PRO D 39 -44.53 0.59 -8.94
CA PRO D 39 -43.92 1.92 -8.76
C PRO D 39 -44.79 3.04 -9.29
N ASP D 40 -45.44 2.82 -10.45
CA ASP D 40 -46.29 3.85 -11.03
C ASP D 40 -47.51 4.14 -10.18
N GLU D 41 -47.89 3.23 -9.28
CA GLU D 41 -48.96 3.47 -8.33
C GLU D 41 -48.46 4.05 -7.02
N GLN D 42 -47.26 4.62 -7.02
CA GLN D 42 -46.62 5.12 -5.80
C GLN D 42 -46.27 6.59 -5.96
N ARG D 43 -46.16 7.27 -4.82
CA ARG D 43 -45.76 8.68 -4.78
C ARG D 43 -44.97 8.90 -3.50
N LEU D 44 -43.64 8.95 -3.62
CA LEU D 44 -42.77 9.16 -2.47
C LEU D 44 -42.59 10.65 -2.23
N TYR D 45 -42.57 11.04 -0.95
CA TYR D 45 -42.52 12.43 -0.55
C TYR D 45 -41.39 12.65 0.44
N LYS D 46 -40.91 13.89 0.49
CA LYS D 46 -40.06 14.38 1.57
C LYS D 46 -40.79 15.57 2.17
N ASP D 47 -41.35 15.38 3.36
CA ASP D 47 -42.30 16.34 3.93
C ASP D 47 -43.46 16.51 2.96
N ASP D 48 -43.62 17.68 2.37
CA ASP D 48 -44.69 17.89 1.40
C ASP D 48 -44.23 17.88 -0.04
N GLN D 49 -42.93 17.85 -0.30
CA GLN D 49 -42.41 17.90 -1.66
C GLN D 49 -42.46 16.51 -2.30
N LEU D 50 -42.88 16.46 -3.57
CA LEU D 50 -42.92 15.21 -4.31
C LEU D 50 -41.52 14.87 -4.86
N LEU D 51 -41.19 13.58 -4.86
CA LEU D 51 -39.88 13.11 -5.28
C LEU D 51 -39.95 12.55 -6.69
N ASP D 52 -39.18 13.14 -7.60
CA ASP D 52 -39.13 12.62 -8.96
C ASP D 52 -38.34 11.32 -9.00
N ASP D 53 -38.76 10.41 -9.89
CA ASP D 53 -38.21 9.06 -9.93
C ASP D 53 -36.73 9.05 -10.32
N GLY D 54 -36.28 10.04 -11.09
CA GLY D 54 -34.90 10.08 -11.54
C GLY D 54 -33.91 10.68 -10.59
N LYS D 55 -34.36 11.33 -9.51
CA LYS D 55 -33.45 11.98 -8.59
C LYS D 55 -32.92 10.99 -7.56
N THR D 56 -31.68 11.22 -7.13
CA THR D 56 -31.07 10.38 -6.11
C THR D 56 -31.50 10.84 -4.72
N LEU D 57 -31.36 9.92 -3.75
CA LEU D 57 -31.75 10.24 -2.38
C LEU D 57 -30.89 11.37 -1.81
N GLY D 58 -29.58 11.35 -2.12
CA GLY D 58 -28.72 12.43 -1.65
C GLY D 58 -29.11 13.77 -2.23
N GLU D 59 -29.54 13.79 -3.49
CA GLU D 59 -30.07 14.99 -4.12
C GLU D 59 -31.27 15.56 -3.35
N GLY D 61 -31.78 15.38 -0.29
CA GLY D 61 -31.40 15.74 1.06
C GLY D 61 -31.40 14.59 2.06
N PHE D 62 -31.44 13.36 1.55
CA PHE D 62 -31.33 12.17 2.39
C PHE D 62 -29.85 11.80 2.49
N THR D 63 -29.21 12.30 3.54
CA THR D 63 -27.77 12.13 3.72
C THR D 63 -27.48 11.21 4.90
N SER D 64 -26.28 10.60 4.85
CA SER D 64 -25.88 9.62 5.85
C SER D 64 -25.93 10.19 7.26
N GLN D 65 -25.55 11.46 7.41
CA GLN D 65 -25.46 12.06 8.74
C GLN D 65 -26.78 12.58 9.25
N THR D 66 -27.82 12.64 8.43
CA THR D 66 -29.16 12.98 8.91
C THR D 66 -30.12 11.80 8.93
N ALA D 67 -29.99 10.86 8.00
CA ALA D 67 -30.77 9.62 8.03
C ALA D 67 -29.92 8.56 8.72
N ARG D 68 -29.94 8.58 10.08
CA ARG D 68 -29.12 7.75 10.95
C ARG D 68 -29.86 6.47 11.33
N PRO D 69 -29.12 5.38 11.63
CA PRO D 69 -29.81 4.14 12.05
C PRO D 69 -30.67 4.32 13.28
N GLN D 70 -30.17 5.00 14.31
CA GLN D 70 -30.93 5.24 15.53
C GLN D 70 -31.91 6.39 15.40
N ALA D 71 -31.92 7.10 14.28
CA ALA D 71 -32.82 8.22 14.07
C ALA D 71 -33.06 8.37 12.57
N PRO D 72 -33.84 7.49 11.98
CA PRO D 72 -33.97 7.47 10.52
C PRO D 72 -34.81 8.63 10.01
N ALA D 73 -34.71 8.87 8.71
CA ALA D 73 -35.47 9.92 8.05
C ALA D 73 -36.80 9.38 7.56
N THR D 74 -37.80 10.26 7.48
CA THR D 74 -39.16 9.87 7.13
C THR D 74 -39.43 10.14 5.65
N VAL D 75 -39.97 9.16 4.96
CA VAL D 75 -40.37 9.28 3.56
C VAL D 75 -41.86 9.01 3.47
N GLY D 76 -42.63 10.03 3.11
CA GLY D 76 -44.06 9.86 2.98
C GLY D 76 -44.42 9.03 1.75
N LEU D 77 -45.50 8.27 1.87
CA LEU D 77 -45.97 7.40 0.80
C LEU D 77 -47.47 7.57 0.64
N ALA D 78 -47.93 7.53 -0.61
CA ALA D 78 -49.35 7.69 -0.92
C ALA D 78 -49.77 6.81 -2.11
N LEU D 88 -51.44 12.75 0.80
CA LEU D 88 -50.47 12.18 1.74
C LEU D 88 -51.01 12.25 3.16
N ILE D 90 -50.18 10.68 7.06
CA ILE D 90 -49.30 9.96 7.96
C ILE D 90 -49.85 10.01 9.38
N GLU D 91 -50.36 8.88 9.85
CA GLU D 91 -50.93 8.83 11.19
C GLU D 91 -49.81 8.98 12.22
N PRO D 92 -49.88 9.94 13.13
CA PRO D 92 -48.80 10.12 14.11
C PRO D 92 -48.80 9.00 15.14
N PHE D 93 -47.63 8.77 15.72
CA PHE D 93 -47.49 7.79 16.79
C PHE D 93 -48.20 8.29 18.05
N SER D 94 -48.28 7.41 19.04
CA SER D 94 -48.94 7.75 20.29
C SER D 94 -48.13 8.80 21.06
N SER D 95 -48.73 9.32 22.13
CA SER D 95 -48.09 10.35 22.93
C SER D 95 -47.70 9.80 24.30
N PRO D 96 -46.51 10.11 24.78
CA PRO D 96 -46.07 9.60 26.09
C PRO D 96 -46.75 10.34 27.22
N PRO D 97 -46.85 9.72 28.40
CA PRO D 97 -47.47 10.39 29.54
C PRO D 97 -46.60 11.48 30.14
N GLU D 98 -47.09 12.15 31.19
CA GLU D 98 -46.34 13.21 31.84
C GLU D 98 -45.14 12.66 32.60
N TYR E 3 -39.00 -9.95 5.50
CA TYR E 3 -39.65 -8.94 6.31
C TYR E 3 -40.75 -9.52 7.20
N VAL E 4 -40.87 -8.99 8.41
CA VAL E 4 -41.94 -9.34 9.35
C VAL E 4 -42.70 -8.06 9.72
N LYS E 5 -43.83 -8.23 10.39
CA LYS E 5 -44.70 -7.12 10.76
C LYS E 5 -44.91 -7.13 12.27
N LEU E 6 -44.67 -5.98 12.90
CA LEU E 6 -44.82 -5.82 14.34
C LEU E 6 -45.85 -4.73 14.60
N ILE E 7 -47.04 -5.13 15.02
CA ILE E 7 -48.14 -4.22 15.28
C ILE E 7 -48.13 -3.83 16.74
N SER E 8 -48.31 -2.54 17.00
CA SER E 8 -48.29 -2.01 18.36
C SER E 8 -49.68 -2.13 18.98
N SER E 9 -49.87 -1.52 20.15
CA SER E 9 -51.15 -1.60 20.85
C SER E 9 -52.21 -0.67 20.26
N ASP E 10 -51.81 0.34 19.49
CA ASP E 10 -52.74 1.29 18.91
C ASP E 10 -52.95 1.08 17.42
N GLY E 11 -52.42 0.00 16.86
CA GLY E 11 -52.68 -0.36 15.48
C GLY E 11 -51.56 -0.07 14.50
N HIS E 12 -50.52 0.65 14.93
CA HIS E 12 -49.42 0.98 14.03
C HIS E 12 -48.65 -0.29 13.66
N GLU E 13 -48.40 -0.47 12.36
CA GLU E 13 -47.82 -1.70 11.83
C GLU E 13 -46.42 -1.38 11.30
N PHE E 14 -45.40 -1.88 11.99
CA PHE E 14 -44.01 -1.63 11.64
C PHE E 14 -43.46 -2.85 10.89
N ILE E 15 -42.95 -2.63 9.69
CA ILE E 15 -42.37 -3.68 8.87
C ILE E 15 -40.86 -3.55 8.95
N VAL E 16 -40.19 -4.56 9.50
CA VAL E 16 -38.74 -4.58 9.63
C VAL E 16 -38.22 -5.88 9.03
N LYS E 17 -36.91 -5.92 8.80
CA LYS E 17 -36.27 -7.12 8.29
C LYS E 17 -36.40 -8.26 9.29
N ARG E 18 -36.52 -9.49 8.76
CA ARG E 18 -36.69 -10.64 9.64
C ARG E 18 -35.47 -10.84 10.54
N GLU E 19 -34.26 -10.73 9.97
CA GLU E 19 -33.06 -10.88 10.77
C GLU E 19 -32.95 -9.82 11.86
N HIS E 20 -33.49 -8.62 11.61
CA HIS E 20 -33.50 -7.58 12.63
C HIS E 20 -34.45 -7.93 13.77
N ALA E 21 -35.64 -8.44 13.43
CA ALA E 21 -36.60 -8.79 14.46
C ALA E 21 -36.20 -10.06 15.22
N LEU E 22 -35.34 -10.89 14.63
CA LEU E 22 -34.86 -12.09 15.30
C LEU E 22 -33.82 -11.79 16.38
N THR E 23 -33.50 -10.51 16.60
CA THR E 23 -32.61 -10.14 17.70
C THR E 23 -33.18 -10.55 19.04
N SER E 24 -34.48 -10.33 19.25
CA SER E 24 -35.14 -10.68 20.49
C SER E 24 -35.66 -12.11 20.41
N GLY E 25 -35.32 -12.92 21.42
CA GLY E 25 -35.83 -14.28 21.47
C GLY E 25 -37.32 -14.34 21.71
N THR E 26 -37.87 -13.34 22.42
CA THR E 26 -39.31 -13.27 22.65
C THR E 26 -40.07 -13.16 21.33
N ILE E 27 -39.55 -12.35 20.39
CA ILE E 27 -40.21 -12.22 19.09
C ILE E 27 -40.00 -13.49 18.27
N LYS E 28 -38.81 -14.09 18.35
CA LYS E 28 -38.54 -15.33 17.62
C LYS E 28 -39.51 -16.44 18.06
N ALA E 29 -39.85 -16.49 19.34
CA ALA E 29 -40.82 -17.47 19.80
C ALA E 29 -42.23 -17.13 19.31
N MET E 30 -42.54 -15.83 19.25
CA MET E 30 -43.83 -15.38 18.76
C MET E 30 -43.91 -15.54 17.24
N ASN E 43 -46.81 -14.04 9.32
CA ASN E 43 -45.63 -13.69 10.10
C ASN E 43 -45.75 -12.28 10.69
N GLU E 44 -46.76 -12.10 11.55
CA GLU E 44 -46.98 -10.84 12.25
C GLU E 44 -47.06 -11.10 13.75
N VAL E 45 -46.65 -10.12 14.54
CA VAL E 45 -46.73 -10.19 15.99
C VAL E 45 -47.51 -8.98 16.50
N ASN E 46 -48.43 -9.22 17.43
CA ASN E 46 -49.23 -8.17 18.04
C ASN E 46 -48.78 -7.95 19.48
N PHE E 47 -48.55 -6.71 19.85
CA PHE E 47 -48.06 -6.35 21.18
C PHE E 47 -49.15 -5.54 21.88
N ARG E 48 -49.92 -6.19 22.75
CA ARG E 48 -51.02 -5.53 23.43
C ARG E 48 -50.54 -4.48 24.42
N GLU E 49 -49.28 -4.54 24.86
CA GLU E 49 -48.79 -3.64 25.89
C GLU E 49 -47.80 -2.61 25.38
N ILE E 50 -47.37 -2.68 24.12
CA ILE E 50 -46.34 -1.81 23.58
C ILE E 50 -46.99 -0.86 22.58
N PRO E 51 -47.16 0.42 22.92
CA PRO E 51 -47.75 1.37 21.96
C PRO E 51 -46.79 1.72 20.82
N SER E 52 -47.23 2.62 19.93
CA SER E 52 -46.43 2.95 18.75
C SER E 52 -45.21 3.79 19.11
N HIS E 53 -45.36 4.73 20.04
CA HIS E 53 -44.24 5.58 20.43
C HIS E 53 -43.16 4.82 21.20
N VAL E 54 -43.40 3.55 21.54
CA VAL E 54 -42.40 2.69 22.14
C VAL E 54 -41.90 1.66 21.14
N LEU E 55 -42.80 1.08 20.34
CA LEU E 55 -42.38 0.08 19.36
C LEU E 55 -41.57 0.67 18.24
N SER E 56 -41.75 1.97 17.95
CA SER E 56 -40.93 2.62 16.94
C SER E 56 -39.47 2.70 17.38
N LYS E 57 -39.23 3.06 18.64
CA LYS E 57 -37.86 3.10 19.16
C LYS E 57 -37.22 1.73 19.13
N VAL E 58 -38.00 0.68 19.40
CA VAL E 58 -37.47 -0.68 19.38
C VAL E 58 -36.97 -1.05 17.99
N CYS E 59 -37.71 -0.65 16.96
CA CYS E 59 -37.29 -0.95 15.59
C CYS E 59 -36.05 -0.15 15.21
N MET E 60 -35.95 1.10 15.69
CA MET E 60 -34.73 1.88 15.45
C MET E 60 -33.53 1.25 16.13
N TYR E 61 -33.74 0.59 17.27
CA TYR E 61 -32.64 -0.11 17.93
C TYR E 61 -32.19 -1.32 17.12
N PHE E 62 -33.14 -2.02 16.49
CA PHE E 62 -32.77 -3.13 15.60
C PHE E 62 -31.79 -2.65 14.54
N THR E 63 -32.12 -1.56 13.84
CA THR E 63 -31.21 -0.99 12.87
C THR E 63 -29.91 -0.52 13.52
N TYR E 64 -30.02 0.08 14.72
CA TYR E 64 -28.85 0.59 15.41
C TYR E 64 -27.91 -0.55 15.81
N LYS E 65 -28.47 -1.63 16.38
CA LYS E 65 -27.63 -2.74 16.83
C LYS E 65 -26.97 -3.45 15.66
N VAL E 66 -27.74 -3.74 14.60
CA VAL E 66 -27.18 -4.45 13.45
C VAL E 66 -26.11 -3.62 12.78
N ARG E 67 -26.23 -2.30 12.82
CA ARG E 67 -25.29 -1.43 12.11
C ARG E 67 -23.98 -1.28 12.86
N TYR E 68 -24.02 -1.19 14.19
CA TYR E 68 -22.83 -0.84 14.97
C TYR E 68 -22.27 -2.00 15.77
N THR E 69 -22.81 -3.21 15.62
CA THR E 69 -22.25 -4.38 16.29
C THR E 69 -20.97 -4.80 15.57
N ASN E 70 -19.86 -4.84 16.31
CA ASN E 70 -18.54 -5.19 15.76
C ASN E 70 -18.17 -4.26 14.61
N SER E 71 -18.15 -2.97 14.91
CA SER E 71 -17.82 -1.94 13.94
C SER E 71 -16.61 -1.16 14.42
N SER E 72 -15.68 -0.89 13.51
CA SER E 72 -14.47 -0.15 13.86
C SER E 72 -14.73 1.33 14.04
N THR E 73 -15.73 1.87 13.34
CA THR E 73 -16.03 3.30 13.43
C THR E 73 -16.51 3.66 14.83
N GLU E 74 -16.51 4.97 15.11
CA GLU E 74 -17.05 5.46 16.37
C GLU E 74 -18.55 5.19 16.44
N ILE E 75 -19.02 4.79 17.61
CA ILE E 75 -20.41 4.43 17.83
C ILE E 75 -21.12 5.59 18.51
N PRO E 76 -22.23 6.08 17.98
CA PRO E 76 -23.00 7.11 18.67
C PRO E 76 -23.86 6.53 19.78
N GLU E 77 -24.24 7.41 20.71
CA GLU E 77 -25.11 7.01 21.81
C GLU E 77 -26.53 6.78 21.30
N PHE E 78 -27.21 5.80 21.90
CA PHE E 78 -28.59 5.54 21.54
C PHE E 78 -29.49 6.51 22.30
N PRO E 79 -30.15 7.44 21.60
CA PRO E 79 -30.93 8.46 22.31
C PRO E 79 -32.26 7.90 22.81
N ILE E 80 -32.54 8.14 24.09
CA ILE E 80 -33.82 7.78 24.70
C ILE E 80 -34.36 9.04 25.38
N ALA E 81 -35.47 9.56 24.88
CA ALA E 81 -36.10 10.69 25.54
C ALA E 81 -36.59 10.28 26.93
N PRO E 82 -36.48 11.16 27.92
CA PRO E 82 -36.93 10.81 29.28
C PRO E 82 -38.42 10.49 29.37
N GLU E 83 -39.23 10.99 28.45
CA GLU E 83 -40.67 10.74 28.50
C GLU E 83 -41.03 9.31 28.10
N ILE E 84 -40.16 8.64 27.35
CA ILE E 84 -40.41 7.28 26.89
C ILE E 84 -39.48 6.28 27.55
N ALA E 85 -38.71 6.71 28.54
CA ALA E 85 -37.69 5.83 29.10
C ALA E 85 -38.32 4.69 29.90
N LEU E 86 -39.29 5.01 30.76
CA LEU E 86 -39.90 3.98 31.60
C LEU E 86 -40.62 2.93 30.78
N GLU E 87 -41.38 3.35 29.76
CA GLU E 87 -42.10 2.39 28.92
C GLU E 87 -41.15 1.56 28.09
N LEU E 88 -40.14 2.20 27.48
CA LEU E 88 -39.16 1.45 26.70
C LEU E 88 -38.43 0.43 27.57
N LEU E 89 -38.23 0.74 28.86
CA LEU E 89 -37.57 -0.19 29.76
C LEU E 89 -38.37 -1.49 29.89
N MET E 90 -39.67 -1.37 30.17
CA MET E 90 -40.50 -2.57 30.31
C MET E 90 -40.58 -3.33 29.00
N ALA E 91 -40.71 -2.64 27.87
CA ALA E 91 -40.71 -3.32 26.59
C ALA E 91 -39.39 -4.03 26.35
N ALA E 92 -38.27 -3.39 26.68
CA ALA E 92 -36.97 -4.04 26.54
C ALA E 92 -36.81 -5.18 27.54
N ASN E 93 -37.32 -5.00 28.76
CA ASN E 93 -37.27 -6.07 29.75
C ASN E 93 -38.12 -7.27 29.32
N PHE E 94 -39.29 -7.01 28.73
CA PHE E 94 -40.16 -8.09 28.29
C PHE E 94 -39.60 -8.81 27.08
N LEU E 95 -39.03 -8.06 26.13
CA LEU E 95 -38.52 -8.63 24.90
C LEU E 95 -37.10 -9.17 25.03
N ASP E 96 -36.41 -8.85 26.14
CA ASP E 96 -35.05 -9.34 26.38
C ASP E 96 -34.08 -8.90 25.28
N CYS E 97 -34.18 -7.63 24.88
CA CYS E 97 -33.29 -7.10 23.85
C CYS E 97 -32.44 -5.94 24.38
N LEU F 12 -6.60 -11.94 37.57
CA LEU F 12 -6.50 -10.71 36.78
C LEU F 12 -5.61 -9.68 37.47
N ARG F 13 -4.32 -9.68 37.11
CA ARG F 13 -3.34 -8.77 37.69
C ARG F 13 -2.33 -8.38 36.63
N SER F 14 -1.72 -7.21 36.82
CA SER F 14 -0.70 -6.73 35.90
C SER F 14 0.59 -7.53 36.07
N VAL F 15 1.14 -7.99 34.96
CA VAL F 15 2.43 -8.68 34.96
C VAL F 15 3.53 -7.63 35.17
N ASN F 16 4.33 -7.80 36.22
CA ASN F 16 5.42 -6.88 36.53
C ASN F 16 6.59 -7.15 35.58
N SER F 17 6.38 -6.76 34.32
CA SER F 17 7.36 -7.04 33.27
C SER F 17 8.48 -6.01 33.21
N ARG F 18 8.27 -4.81 33.77
CA ARG F 18 9.24 -3.71 33.69
C ARG F 18 9.68 -3.46 32.25
N GLU F 19 8.80 -3.70 31.30
CA GLU F 19 9.08 -3.48 29.89
C GLU F 19 8.26 -2.31 29.39
N PRO F 20 8.84 -1.13 29.18
CA PRO F 20 8.04 0.07 28.88
C PRO F 20 7.27 -0.07 27.57
N SER F 21 6.04 0.45 27.56
CA SER F 21 5.19 0.42 26.38
C SER F 21 4.37 1.70 26.35
N GLN F 22 4.55 2.49 25.31
CA GLN F 22 3.86 3.76 25.19
C GLN F 22 2.45 3.54 24.64
N VAL F 23 1.48 4.20 25.26
CA VAL F 23 0.06 3.99 24.98
C VAL F 23 -0.62 5.34 24.85
N ILE F 24 -1.54 5.45 23.89
CA ILE F 24 -2.35 6.65 23.70
C ILE F 24 -3.79 6.28 24.08
N PHE F 25 -4.30 6.91 25.13
CA PHE F 25 -5.70 6.75 25.51
C PHE F 25 -6.56 7.66 24.63
N ASN F 27 -10.33 8.75 23.72
CA ASN F 27 -11.74 8.72 24.10
C ASN F 27 -12.65 9.09 22.93
N ARG F 28 -13.05 8.08 22.15
CA ARG F 28 -14.02 8.26 21.07
C ARG F 28 -15.43 7.89 21.55
N SER F 29 -15.85 8.58 22.60
CA SER F 29 -17.12 8.32 23.25
C SER F 29 -17.63 9.63 23.83
N PRO F 30 -18.95 9.82 23.89
CA PRO F 30 -19.50 11.04 24.51
C PRO F 30 -19.47 11.05 26.03
N ARG F 31 -18.79 10.10 26.67
CA ARG F 31 -18.74 10.01 28.12
C ARG F 31 -17.39 10.45 28.65
N VAL F 32 -17.38 10.92 29.89
CA VAL F 32 -16.13 11.14 30.62
C VAL F 32 -15.55 9.77 30.97
N VAL F 33 -14.41 9.43 30.38
CA VAL F 33 -13.82 8.11 30.54
C VAL F 33 -12.90 8.09 31.75
N LEU F 34 -13.10 7.11 32.63
CA LEU F 34 -12.20 6.89 33.75
C LEU F 34 -11.33 5.68 33.47
N PRO F 35 -10.02 5.85 33.26
CA PRO F 35 -9.15 4.68 33.07
C PRO F 35 -8.87 3.99 34.39
N VAL F 36 -8.82 2.66 34.36
CA VAL F 36 -8.62 1.85 35.54
C VAL F 36 -7.50 0.85 35.24
N TRP F 37 -6.47 0.85 36.08
CA TRP F 37 -5.34 -0.06 35.96
C TRP F 37 -5.39 -1.08 37.09
N LEU F 38 -5.35 -2.36 36.74
CA LEU F 38 -5.32 -3.43 37.74
C LEU F 38 -3.87 -3.62 38.18
N ASN F 39 -3.56 -3.28 39.43
CA ASN F 39 -2.18 -3.33 39.91
C ASN F 39 -1.73 -4.79 40.05
N PHE F 40 -0.52 -4.97 40.59
CA PHE F 40 0.06 -6.30 40.71
C PHE F 40 -0.70 -7.19 41.69
N ASP F 41 -1.51 -6.60 42.57
CA ASP F 41 -2.32 -7.33 43.53
C ASP F 41 -3.75 -7.56 43.04
N GLY F 42 -4.12 -7.02 41.87
CA GLY F 42 -5.46 -7.14 41.36
C GLY F 42 -6.41 -6.04 41.75
N GLU F 43 -5.98 -5.08 42.57
CA GLU F 43 -6.85 -4.00 42.99
C GLU F 43 -7.00 -2.97 41.88
N PRO F 44 -8.21 -2.52 41.58
CA PRO F 44 -8.39 -1.52 40.51
C PRO F 44 -7.86 -0.16 40.95
N GLN F 45 -6.99 0.43 40.14
CA GLN F 45 -6.42 1.74 40.42
C GLN F 45 -6.95 2.75 39.42
N PRO F 46 -7.65 3.80 39.87
CA PRO F 46 -8.14 4.82 38.93
C PRO F 46 -7.08 5.82 38.55
N TYR F 47 -7.22 6.34 37.32
CA TYR F 47 -6.31 7.34 36.75
C TYR F 47 -7.12 8.58 36.40
N PRO F 48 -6.46 9.71 36.11
CA PRO F 48 -7.21 10.94 35.78
C PRO F 48 -8.14 10.73 34.58
N THR F 49 -9.31 11.36 34.65
CA THR F 49 -10.38 11.11 33.70
C THR F 49 -10.12 11.81 32.37
N LEU F 50 -10.77 11.30 31.33
CA LEU F 50 -10.60 11.79 29.97
C LEU F 50 -11.90 12.42 29.48
N PRO F 51 -11.92 13.71 29.17
CA PRO F 51 -13.13 14.32 28.60
C PRO F 51 -13.45 13.70 27.26
N PRO F 52 -14.72 13.79 26.82
CA PRO F 52 -15.08 13.25 25.51
C PRO F 52 -14.26 13.85 24.39
N GLY F 53 -13.79 12.97 23.49
CA GLY F 53 -13.12 13.44 22.29
C GLY F 53 -11.70 13.90 22.49
N THR F 54 -11.09 13.57 23.61
CA THR F 54 -9.73 13.98 23.93
C THR F 54 -8.82 12.76 23.98
N GLY F 55 -7.51 13.03 24.05
CA GLY F 55 -6.52 12.00 24.11
C GLY F 55 -5.47 12.29 25.18
N ARG F 56 -4.66 11.28 25.46
CA ARG F 56 -3.61 11.38 26.47
C ARG F 56 -2.61 10.25 26.26
N ARG F 57 -1.34 10.60 26.15
CA ARG F 57 -0.28 9.60 26.12
C ARG F 57 0.10 9.25 27.55
N ILE F 58 0.15 7.96 27.84
CA ILE F 58 0.49 7.48 29.18
C ILE F 58 1.61 6.45 29.05
N HIS F 59 2.45 6.38 30.09
CA HIS F 59 3.58 5.48 30.12
C HIS F 59 3.16 4.20 30.85
N SER F 60 2.98 3.12 30.10
CA SER F 60 2.60 1.85 30.68
C SER F 60 3.68 0.81 30.37
N TYR F 61 3.37 -0.44 30.69
CA TYR F 61 4.31 -1.53 30.51
C TYR F 61 3.59 -2.72 29.90
N ARG F 62 4.36 -3.59 29.26
CA ARG F 62 3.79 -4.75 28.59
C ARG F 62 3.24 -5.73 29.63
N GLY F 63 2.09 -6.32 29.32
CA GLY F 63 1.42 -7.24 30.21
C GLY F 63 0.50 -6.60 31.22
N HIS F 64 0.51 -5.27 31.33
CA HIS F 64 -0.37 -4.59 32.27
C HIS F 64 -1.82 -4.63 31.79
N LEU F 65 -2.73 -4.44 32.73
CA LEU F 65 -4.17 -4.61 32.50
C LEU F 65 -4.89 -3.29 32.74
N TRP F 66 -5.63 -2.83 31.72
CA TRP F 66 -6.42 -1.62 31.82
C TRP F 66 -7.87 -1.91 31.43
N LEU F 67 -8.80 -1.26 32.12
CA LEU F 67 -10.20 -1.23 31.72
C LEU F 67 -10.69 0.20 31.86
N PHE F 68 -11.80 0.50 31.17
CA PHE F 68 -12.29 1.87 31.06
C PHE F 68 -13.77 1.92 31.35
N ARG F 69 -14.19 2.97 32.05
CA ARG F 69 -15.56 3.12 32.51
C ARG F 69 -15.99 4.57 32.36
N ASP F 70 -17.31 4.77 32.35
CA ASP F 70 -17.86 6.11 32.54
C ASP F 70 -17.45 6.62 33.91
N ALA F 71 -16.97 7.85 33.98
CA ALA F 71 -16.45 8.37 35.25
C ALA F 71 -17.55 8.63 36.26
N GLY F 72 -18.74 8.99 35.79
CA GLY F 72 -19.84 9.31 36.69
C GLY F 72 -20.71 8.13 37.06
N THR F 73 -21.00 7.26 36.09
CA THR F 73 -21.95 6.19 36.27
C THR F 73 -21.32 4.80 36.29
N HIS F 74 -20.04 4.69 35.93
CA HIS F 74 -19.31 3.44 35.89
C HIS F 74 -19.87 2.46 34.86
N ASP F 75 -20.62 2.95 33.87
CA ASP F 75 -21.06 2.10 32.78
C ASP F 75 -19.86 1.48 32.06
N GLY F 76 -20.02 0.26 31.57
CA GLY F 76 -18.94 -0.40 30.87
C GLY F 76 -18.61 0.29 29.55
N LEU F 77 -17.36 0.18 29.15
CA LEU F 77 -16.89 0.76 27.90
C LEU F 77 -15.94 -0.22 27.23
N LEU F 78 -15.83 -0.11 25.91
CA LEU F 78 -14.96 -0.97 25.13
C LEU F 78 -13.65 -0.25 24.82
N VAL F 79 -12.58 -1.03 24.70
CA VAL F 79 -11.29 -0.51 24.28
C VAL F 79 -10.71 -1.49 23.26
N ASN F 80 -10.53 -1.03 22.02
CA ASN F 80 -10.14 -1.90 20.92
C ASN F 80 -11.11 -3.08 20.79
N GLN F 81 -12.41 -2.79 20.96
CA GLN F 81 -13.50 -3.74 20.79
C GLN F 81 -13.48 -4.86 21.82
N THR F 82 -12.92 -4.61 23.01
CA THR F 82 -12.90 -5.61 24.08
C THR F 82 -13.07 -4.91 25.42
N GLU F 83 -13.02 -5.70 26.49
CA GLU F 83 -13.13 -5.16 27.84
C GLU F 83 -11.76 -4.80 28.42
N LEU F 84 -10.73 -5.57 28.08
CA LEU F 84 -9.41 -5.39 28.64
C LEU F 84 -8.45 -4.87 27.58
N PHE F 85 -7.53 -4.02 28.01
CA PHE F 85 -6.47 -3.48 27.17
C PHE F 85 -5.12 -3.86 27.76
N VAL F 86 -4.34 -4.61 27.00
CA VAL F 86 -3.00 -5.03 27.40
C VAL F 86 -2.00 -4.35 26.46
N PRO F 87 -1.19 -3.41 26.95
CA PRO F 87 -0.16 -2.80 26.09
C PRO F 87 0.79 -3.86 25.55
N SER F 88 1.01 -3.82 24.25
CA SER F 88 1.81 -4.81 23.54
C SER F 88 3.16 -4.21 23.17
N LEU F 89 3.78 -4.73 22.10
CA LEU F 89 5.09 -4.27 21.67
C LEU F 89 4.97 -3.02 20.81
N ASN F 90 5.85 -2.06 21.05
CA ASN F 90 5.91 -0.83 20.25
C ASN F 90 6.74 -1.11 19.00
N VAL F 91 6.07 -1.37 17.89
CA VAL F 91 6.75 -1.70 16.64
C VAL F 91 7.23 -0.40 15.99
N ASP F 92 8.53 -0.32 15.73
CA ASP F 92 9.17 0.86 15.14
C ASP F 92 8.87 2.12 15.96
N GLY F 93 8.94 1.99 17.28
CA GLY F 93 8.70 3.12 18.16
C GLY F 93 7.31 3.70 18.12
N GLN F 94 6.33 2.99 17.52
CA GLN F 94 4.97 3.50 17.39
C GLN F 94 4.16 3.20 18.65
N PRO F 95 3.53 4.20 19.28
CA PRO F 95 2.76 3.93 20.50
C PRO F 95 1.47 3.21 20.20
N ILE F 96 1.07 2.34 21.13
CA ILE F 96 -0.17 1.57 20.97
C ILE F 96 -1.37 2.48 21.17
N PHE F 97 -2.39 2.30 20.34
CA PHE F 97 -3.61 3.09 20.41
C PHE F 97 -4.67 2.35 21.22
N ALA F 98 -5.21 3.01 22.23
CA ALA F 98 -6.27 2.45 23.07
C ALA F 98 -7.58 3.13 22.68
N ASN F 99 -8.26 2.55 21.70
CA ASN F 99 -9.49 3.11 21.14
C ASN F 99 -10.63 2.83 22.11
N ILE F 100 -11.04 3.85 22.86
CA ILE F 100 -12.11 3.74 23.84
C ILE F 100 -13.40 4.22 23.20
N THR F 101 -14.35 3.31 23.01
CA THR F 101 -15.63 3.61 22.37
C THR F 101 -16.79 3.16 23.24
N LEU F 102 -17.98 3.63 22.90
CA LEU F 102 -19.17 3.11 23.51
C LEU F 102 -19.42 1.68 23.03
N PRO F 103 -19.88 0.79 23.90
CA PRO F 103 -20.36 -0.51 23.43
C PRO F 103 -21.80 -0.38 22.94
N VAL F 104 -22.25 -1.41 22.24
CA VAL F 104 -23.66 -1.53 21.89
C VAL F 104 -24.38 -2.14 23.08
N TYR F 105 -24.79 -1.30 24.02
CA TYR F 105 -25.59 -1.75 25.15
C TYR F 105 -26.86 -2.43 24.66
N THR F 106 -27.34 -3.41 25.43
CA THR F 106 -28.69 -3.89 25.23
C THR F 106 -29.66 -2.73 25.41
N LEU F 107 -30.82 -2.82 24.75
CA LEU F 107 -31.83 -1.79 24.92
C LEU F 107 -32.27 -1.68 26.37
N LYS F 108 -32.29 -2.81 27.09
CA LYS F 108 -32.66 -2.75 28.50
C LYS F 108 -31.63 -1.99 29.31
N GLU F 109 -30.35 -2.33 29.14
CA GLU F 109 -29.31 -1.63 29.90
C GLU F 109 -29.27 -0.15 29.55
N ARG F 110 -29.50 0.17 28.28
CA ARG F 110 -29.52 1.58 27.87
C ARG F 110 -30.68 2.32 28.51
N CYS F 111 -31.82 1.65 28.69
CA CYS F 111 -32.93 2.27 29.42
C CYS F 111 -32.59 2.43 30.89
N LEU F 112 -31.95 1.42 31.48
CA LEU F 112 -31.56 1.53 32.89
C LEU F 112 -30.58 2.68 33.10
N GLN F 113 -29.69 2.91 32.13
CA GLN F 113 -28.77 4.04 32.23
C GLN F 113 -29.52 5.36 32.25
N VAL F 114 -30.54 5.49 31.40
CA VAL F 114 -31.28 6.75 31.31
C VAL F 114 -32.14 6.96 32.55
N VAL F 115 -32.80 5.91 33.04
CA VAL F 115 -33.64 6.07 34.22
C VAL F 115 -32.78 6.35 35.46
N ARG F 116 -31.61 5.73 35.54
CA ARG F 116 -30.71 6.00 36.66
C ARG F 116 -30.29 7.46 36.70
N SER F 117 -30.06 8.05 35.53
CA SER F 117 -29.60 9.43 35.43
C SER F 117 -30.70 10.45 35.66
N LEU F 118 -31.94 10.01 35.87
CA LEU F 118 -33.05 10.92 36.14
C LEU F 118 -33.71 10.68 37.49
N VAL F 119 -33.43 9.56 38.15
CA VAL F 119 -34.07 9.20 39.41
C VAL F 119 -32.99 8.97 40.46
N LYS F 120 -33.14 9.62 41.61
CA LYS F 120 -32.24 9.38 42.72
C LYS F 120 -32.40 7.93 43.18
N PRO F 121 -31.32 7.28 43.62
CA PRO F 121 -31.44 5.88 44.06
C PRO F 121 -32.41 5.68 45.21
N GLU F 122 -32.69 6.72 46.00
CA GLU F 122 -33.67 6.63 47.08
C GLU F 122 -35.10 6.66 46.59
N ASN F 123 -35.33 6.94 45.31
CA ASN F 123 -36.67 7.01 44.74
C ASN F 123 -36.92 5.89 43.73
N TYR F 124 -36.06 4.87 43.68
CA TYR F 124 -36.25 3.79 42.72
C TYR F 124 -37.57 3.06 42.95
N ARG F 125 -37.92 2.83 44.22
CA ARG F 125 -39.12 2.10 44.58
C ARG F 125 -40.40 2.89 44.34
N ARG F 126 -40.30 4.16 43.93
CA ARG F 126 -41.47 4.97 43.65
C ARG F 126 -41.92 4.88 42.20
N LEU F 127 -41.15 4.23 41.33
CA LEU F 127 -41.54 4.06 39.94
C LEU F 127 -42.59 2.96 39.81
N ASP F 128 -43.48 3.13 38.85
CA ASP F 128 -44.53 2.13 38.58
C ASP F 128 -44.01 1.08 37.59
N ILE F 129 -43.12 0.22 38.10
CA ILE F 129 -42.50 -0.83 37.32
C ILE F 129 -42.55 -2.12 38.12
N VAL F 130 -42.33 -3.25 37.43
CA VAL F 130 -42.32 -4.54 38.11
C VAL F 130 -41.17 -4.58 39.12
N ARG F 131 -41.39 -5.34 40.21
CA ARG F 131 -40.38 -5.42 41.27
C ARG F 131 -39.06 -5.98 40.76
N SER F 132 -39.10 -6.79 39.69
CA SER F 132 -37.86 -7.31 39.13
C SER F 132 -37.01 -6.21 38.52
N LEU F 133 -37.62 -5.12 38.07
CA LEU F 133 -36.88 -3.99 37.54
C LEU F 133 -36.28 -3.12 38.63
N TYR F 134 -36.82 -3.17 39.85
CA TYR F 134 -36.22 -2.45 40.97
C TYR F 134 -34.81 -2.95 41.23
N GLU F 135 -34.64 -4.27 41.29
CA GLU F 135 -33.32 -4.84 41.54
C GLU F 135 -32.39 -4.62 40.35
N ASP F 136 -32.92 -4.39 39.15
CA ASP F 136 -32.07 -4.08 38.00
C ASP F 136 -31.55 -2.65 38.08
N LEU F 137 -32.40 -1.70 38.50
CA LEU F 137 -31.94 -0.33 38.68
C LEU F 137 -30.95 -0.22 39.85
N GLU F 138 -31.14 -1.02 40.89
CA GLU F 138 -30.25 -0.97 42.06
C GLU F 138 -28.95 -1.70 41.81
N ASP F 139 -28.90 -2.60 40.84
CA ASP F 139 -27.67 -3.30 40.49
C ASP F 139 -26.84 -2.40 39.58
N HIS F 140 -26.22 -1.40 40.20
CA HIS F 140 -25.43 -0.43 39.45
C HIS F 140 -24.21 -1.11 38.83
N PRO F 141 -23.79 -0.66 37.66
CA PRO F 141 -22.53 -1.15 37.08
C PRO F 141 -21.38 -0.88 38.05
N ASN F 142 -20.55 -1.90 38.26
CA ASN F 142 -19.44 -1.81 39.21
C ASN F 142 -18.26 -2.58 38.67
N VAL F 143 -17.06 -2.08 38.95
CA VAL F 143 -15.85 -2.71 38.46
C VAL F 143 -15.64 -4.06 39.14
N GLN F 144 -15.91 -4.14 40.44
CA GLN F 144 -15.69 -5.38 41.17
C GLN F 144 -16.58 -6.50 40.66
N LYS F 145 -17.83 -6.17 40.30
CA LYS F 145 -18.73 -7.18 39.76
C LYS F 145 -18.18 -7.76 38.46
N ASP F 146 -17.71 -6.88 37.56
CA ASP F 146 -17.17 -7.34 36.29
C ASP F 146 -15.85 -8.09 36.46
N LEU F 147 -15.12 -7.78 37.53
CA LEU F 147 -13.86 -8.47 37.80
C LEU F 147 -14.11 -9.87 38.35
N MET G 1 15.24 29.91 -3.77
CA MET G 1 14.83 30.60 -2.55
C MET G 1 13.43 30.14 -2.13
N ASP G 2 13.37 29.35 -1.06
CA ASP G 2 12.10 28.81 -0.60
C ASP G 2 11.36 29.85 0.22
N VAL G 3 10.09 30.07 -0.09
CA VAL G 3 9.19 30.88 0.72
C VAL G 3 8.16 29.96 1.34
N PHE G 4 7.73 30.31 2.55
CA PHE G 4 6.81 29.48 3.33
C PHE G 4 5.56 30.31 3.61
N LEU G 5 4.41 29.77 3.20
CA LEU G 5 3.20 30.56 3.10
C LEU G 5 2.06 29.94 3.90
N MET G 6 1.05 30.77 4.16
CA MET G 6 -0.19 30.35 4.79
C MET G 6 -1.30 30.81 3.85
N ILE G 7 -1.89 29.88 3.11
CA ILE G 7 -3.01 30.18 2.22
C ILE G 7 -4.29 30.04 3.04
N ARG G 8 -4.99 31.16 3.23
CA ARG G 8 -6.09 31.25 4.18
C ARG G 8 -7.37 31.69 3.49
N ARG G 9 -8.46 30.98 3.78
CA ARG G 9 -9.79 31.38 3.33
C ARG G 9 -10.79 31.01 4.41
N HIS G 10 -11.55 32.00 4.89
CA HIS G 10 -12.53 31.80 5.94
C HIS G 10 -11.88 31.16 7.16
N LYS G 11 -12.23 29.90 7.43
CA LYS G 11 -11.64 29.14 8.53
C LYS G 11 -10.75 28.01 8.01
N THR G 12 -10.18 28.18 6.83
CA THR G 12 -9.25 27.24 6.24
C THR G 12 -7.87 27.89 6.15
N THR G 13 -6.82 27.09 6.40
CA THR G 13 -5.45 27.56 6.32
C THR G 13 -4.59 26.44 5.78
N ILE G 14 -3.99 26.66 4.61
CA ILE G 14 -3.12 25.69 3.96
C ILE G 14 -1.68 26.08 4.24
N PHE G 15 -0.94 25.20 4.90
CA PHE G 15 0.49 25.38 5.12
C PHE G 15 1.24 24.73 3.97
N THR G 16 2.01 25.53 3.23
CA THR G 16 2.80 24.99 2.13
C THR G 16 3.96 25.94 1.86
N ASP G 17 4.87 25.49 1.00
CA ASP G 17 6.03 26.27 0.61
C ASP G 17 6.12 26.31 -0.91
N ALA G 18 6.91 27.26 -1.39
CA ALA G 18 7.15 27.42 -2.83
C ALA G 18 8.47 28.15 -3.02
N LYS G 19 8.87 28.32 -4.27
CA LYS G 19 10.08 29.06 -4.59
C LYS G 19 9.75 30.53 -4.80
N GLU G 20 10.79 31.36 -4.71
CA GLU G 20 10.61 32.78 -5.00
C GLU G 20 10.27 33.01 -6.47
N SER G 21 10.83 32.19 -7.35
CA SER G 21 10.62 32.30 -8.79
C SER G 21 9.35 31.60 -9.26
N SER G 22 8.60 30.98 -8.36
CA SER G 22 7.35 30.35 -8.74
C SER G 22 6.26 31.41 -8.90
N THR G 23 5.38 31.20 -9.86
CA THR G 23 4.36 32.19 -10.17
C THR G 23 3.08 31.92 -9.40
N VAL G 24 2.18 32.91 -9.41
CA VAL G 24 0.90 32.80 -8.72
C VAL G 24 0.07 31.66 -9.29
N PHE G 25 0.21 31.38 -10.59
CA PHE G 25 -0.59 30.32 -11.21
C PHE G 25 -0.23 28.94 -10.64
N GLU G 26 1.07 28.64 -10.55
CA GLU G 26 1.47 27.36 -9.95
C GLU G 26 1.07 27.26 -8.49
N LEU G 27 0.91 28.40 -7.81
CA LEU G 27 0.36 28.38 -6.45
C LEU G 27 -1.12 28.01 -6.48
N LYS G 28 -1.86 28.47 -7.49
CA LYS G 28 -3.24 28.05 -7.64
C LYS G 28 -3.36 26.58 -7.99
N ARG G 29 -2.36 26.04 -8.70
CA ARG G 29 -2.36 24.60 -8.97
C ARG G 29 -2.19 23.80 -7.68
N ILE G 30 -1.41 24.32 -6.74
CA ILE G 30 -1.25 23.64 -5.45
C ILE G 30 -2.57 23.66 -4.69
N VAL G 31 -3.25 24.81 -4.68
CA VAL G 31 -4.56 24.91 -4.06
C VAL G 31 -5.56 24.00 -4.76
N GLU G 32 -5.42 23.84 -6.07
CA GLU G 32 -6.33 22.98 -6.82
C GLU G 32 -6.23 21.54 -6.36
N GLY G 33 -5.02 21.02 -6.18
CA GLY G 33 -4.85 19.66 -5.73
C GLY G 33 -5.33 19.41 -4.31
N ILE G 34 -5.50 20.47 -3.52
CA ILE G 34 -5.89 20.33 -2.12
C ILE G 34 -7.38 20.57 -1.96
N LEU G 35 -7.86 21.73 -2.40
CA LEU G 35 -9.25 22.12 -2.19
C LEU G 35 -10.15 21.74 -3.36
N LYS G 36 -9.60 21.15 -4.43
CA LYS G 36 -10.37 20.67 -5.57
C LYS G 36 -11.15 21.80 -6.25
N ARG G 37 -10.42 22.86 -6.62
CA ARG G 37 -11.00 23.99 -7.32
C ARG G 37 -10.02 24.45 -8.40
N PRO G 38 -10.47 24.67 -9.62
CA PRO G 38 -9.55 25.05 -10.70
C PRO G 38 -9.02 26.46 -10.51
N PRO G 39 -7.84 26.76 -11.07
CA PRO G 39 -7.27 28.12 -10.89
C PRO G 39 -8.16 29.25 -11.36
N ASP G 40 -9.01 29.02 -12.38
CA ASP G 40 -9.87 30.08 -12.87
C ASP G 40 -11.02 30.40 -11.90
N GLU G 41 -11.27 29.55 -10.92
CA GLU G 41 -12.25 29.82 -9.87
C GLU G 41 -11.60 30.33 -8.58
N GLN G 42 -10.30 30.60 -8.61
CA GLN G 42 -9.55 31.05 -7.45
C GLN G 42 -9.17 32.51 -7.60
N ARG G 43 -9.00 33.19 -6.45
CA ARG G 43 -8.52 34.56 -6.41
C ARG G 43 -7.53 34.67 -5.26
N LEU G 44 -6.25 34.82 -5.58
CA LEU G 44 -5.19 34.91 -4.58
C LEU G 44 -4.84 36.37 -4.30
N TYR G 45 -4.65 36.69 -3.02
CA TYR G 45 -4.40 38.05 -2.58
C TYR G 45 -3.15 38.10 -1.71
N LYS G 46 -2.46 39.24 -1.76
CA LYS G 46 -1.50 39.63 -0.73
C LYS G 46 -2.07 40.88 -0.07
N ASP G 47 -2.54 40.75 1.17
CA ASP G 47 -3.34 41.78 1.83
C ASP G 47 -4.55 42.02 0.94
N ASP G 48 -4.77 43.22 0.43
CA ASP G 48 -5.92 43.52 -0.42
C ASP G 48 -5.58 43.53 -1.91
N GLN G 49 -4.32 43.30 -2.27
CA GLN G 49 -3.90 43.36 -3.66
C GLN G 49 -4.14 42.01 -4.34
N LEU G 50 -4.85 42.03 -5.46
CA LEU G 50 -5.06 40.82 -6.24
C LEU G 50 -3.78 40.45 -6.97
N LEU G 51 -3.43 39.16 -6.92
CA LEU G 51 -2.18 38.67 -7.50
C LEU G 51 -2.42 38.19 -8.92
N ASP G 52 -1.66 38.73 -9.87
CA ASP G 52 -1.77 38.30 -11.26
C ASP G 52 -1.12 36.94 -11.46
N ASP G 53 -1.71 36.15 -12.36
CA ASP G 53 -1.29 34.76 -12.54
C ASP G 53 0.16 34.66 -13.01
N GLY G 54 0.62 35.61 -13.84
CA GLY G 54 1.95 35.52 -14.41
C GLY G 54 3.08 36.06 -13.57
N LYS G 55 2.78 36.76 -12.48
CA LYS G 55 3.81 37.31 -11.62
C LYS G 55 4.35 36.26 -10.66
N THR G 56 5.64 36.31 -10.38
CA THR G 56 6.24 35.38 -9.44
C THR G 56 6.06 35.88 -8.01
N LEU G 57 6.19 34.95 -7.06
CA LEU G 57 6.03 35.29 -5.65
C LEU G 57 7.09 36.30 -5.20
N GLY G 58 8.29 36.23 -5.76
CA GLY G 58 9.30 37.21 -5.43
C GLY G 58 8.89 38.62 -5.80
N GLU G 59 8.37 38.80 -7.01
CA GLU G 59 7.89 40.10 -7.48
C GLU G 59 6.78 40.61 -6.58
N GLY G 61 6.53 40.22 -3.53
CA GLY G 61 7.03 40.62 -2.23
C GLY G 61 7.10 39.50 -1.20
N PHE G 62 7.00 38.26 -1.66
CA PHE G 62 7.15 37.09 -0.80
C PHE G 62 8.61 36.66 -0.85
N THR G 63 9.38 37.12 0.13
CA THR G 63 10.82 36.89 0.16
C THR G 63 11.17 35.87 1.25
N SER G 64 12.37 35.30 1.10
CA SER G 64 12.83 34.27 2.02
C SER G 64 12.93 34.80 3.45
N GLN G 65 13.19 36.10 3.61
CA GLN G 65 13.35 36.69 4.93
C GLN G 65 12.04 37.19 5.52
N THR G 66 10.94 37.17 4.76
CA THR G 66 9.64 37.51 5.33
C THR G 66 8.68 36.34 5.34
N ALA G 67 8.83 35.38 4.43
CA ALA G 67 7.98 34.18 4.42
C ALA G 67 8.78 32.99 4.96
N ARG G 68 9.02 33.04 6.28
CA ARG G 68 9.88 32.15 7.05
C ARG G 68 9.12 30.92 7.53
N PRO G 69 9.81 29.78 7.71
CA PRO G 69 9.09 28.59 8.19
C PRO G 69 8.44 28.76 9.54
N GLN G 70 9.09 29.47 10.47
CA GLN G 70 8.55 29.74 11.80
C GLN G 70 7.61 30.94 11.83
N ALA G 71 7.48 31.65 10.71
CA ALA G 71 6.58 32.79 10.61
C ALA G 71 6.11 32.95 9.17
N PRO G 72 5.25 32.07 8.66
CA PRO G 72 4.92 32.12 7.23
C PRO G 72 4.08 33.32 6.88
N ALA G 73 4.17 33.73 5.61
CA ALA G 73 3.40 34.84 5.07
C ALA G 73 2.01 34.36 4.66
N THR G 74 1.03 35.23 4.85
CA THR G 74 -0.36 34.89 4.58
C THR G 74 -0.74 35.28 3.15
N VAL G 75 -1.33 34.34 2.42
CA VAL G 75 -1.89 34.59 1.11
C VAL G 75 -3.40 34.39 1.22
N GLY G 76 -4.16 35.44 0.91
CA GLY G 76 -5.61 35.34 0.92
C GLY G 76 -6.12 34.53 -0.27
N LEU G 77 -7.31 33.96 -0.09
CA LEU G 77 -7.92 33.11 -1.11
C LEU G 77 -9.42 33.33 -1.10
N ALA G 78 -9.99 33.57 -2.28
CA ALA G 78 -11.43 33.69 -2.47
C ALA G 78 -11.84 32.80 -3.63
N PHE G 79 -12.97 32.12 -3.47
CA PHE G 79 -13.47 31.20 -4.47
C PHE G 79 -14.59 31.85 -5.29
N ARG G 80 -14.79 31.32 -6.50
CA ARG G 80 -15.89 31.73 -7.36
C ARG G 80 -17.05 30.77 -7.14
N ALA G 81 -18.11 31.25 -6.50
CA ALA G 81 -19.31 30.45 -6.25
C ALA G 81 -20.31 30.72 -7.36
N ASP G 82 -20.49 29.73 -8.24
CA ASP G 82 -21.41 29.84 -9.37
C ASP G 82 -21.05 31.03 -10.26
N ASP G 83 -21.82 32.11 -10.16
CA ASP G 83 -21.62 33.25 -11.06
C ASP G 83 -20.40 34.08 -10.67
N THR G 84 -20.47 34.74 -9.53
CA THR G 84 -19.48 35.75 -9.14
C THR G 84 -18.56 35.21 -8.06
N PHE G 85 -17.40 35.86 -7.94
CA PHE G 85 -16.43 35.54 -6.90
C PHE G 85 -16.94 36.02 -5.55
N GLU G 86 -16.62 35.27 -4.51
CA GLU G 86 -16.92 35.71 -3.15
C GLU G 86 -15.88 36.74 -2.71
N ALA G 87 -16.30 37.59 -1.77
CA ALA G 87 -15.37 38.53 -1.20
C ALA G 87 -14.31 37.80 -0.37
N LEU G 88 -13.10 38.36 -0.34
CA LEU G 88 -12.02 37.81 0.47
C LEU G 88 -12.38 37.93 1.96
N ILE G 90 -11.22 36.29 5.82
CA ILE G 90 -10.33 35.45 6.63
C ILE G 90 -10.74 35.54 8.09
N GLU G 91 -11.10 34.41 8.69
CA GLU G 91 -11.48 34.42 10.10
C GLU G 91 -10.23 34.42 10.96
N PRO G 92 -10.11 35.36 11.90
CA PRO G 92 -8.92 35.37 12.76
C PRO G 92 -8.92 34.17 13.69
N PHE G 93 -7.71 33.75 14.06
CA PHE G 93 -7.57 32.70 15.05
C PHE G 93 -8.15 33.17 16.39
N SER G 94 -8.36 32.21 17.29
CA SER G 94 -8.92 32.53 18.60
C SER G 94 -7.99 33.45 19.37
N SER G 95 -8.57 34.23 20.27
CA SER G 95 -7.76 35.13 21.07
C SER G 95 -7.17 34.39 22.27
N PRO G 96 -5.90 34.64 22.60
CA PRO G 96 -5.33 33.99 23.78
C PRO G 96 -5.84 34.64 25.05
N PRO G 97 -5.92 33.88 26.14
CA PRO G 97 -6.42 34.45 27.40
C PRO G 97 -5.47 35.50 27.95
N GLU G 98 -5.91 36.16 29.01
CA GLU G 98 -5.07 37.13 29.68
C GLU G 98 -3.86 36.46 30.30
N LEU G 99 -2.73 37.16 30.28
CA LEU G 99 -1.52 36.65 30.91
C LEU G 99 -1.77 36.41 32.39
N PRO G 100 -1.43 35.24 32.93
CA PRO G 100 -1.58 35.02 34.38
C PRO G 100 -0.78 36.04 35.17
N ASP G 101 -1.25 36.29 36.40
CA ASP G 101 -0.61 37.30 37.25
C ASP G 101 0.86 36.97 37.49
N VAL G 102 1.23 35.68 37.42
CA VAL G 102 2.61 35.27 37.65
C VAL G 102 3.48 35.41 36.41
N MET G 103 2.90 35.64 35.24
CA MET G 103 3.67 35.85 34.02
C MET G 103 3.61 37.31 33.57
N MET H 2 -0.62 12.84 0.99
CA MET H 2 0.04 14.06 0.57
C MET H 2 -0.22 15.20 1.55
N TYR H 3 -1.49 15.45 1.84
CA TYR H 3 -1.90 16.46 2.81
C TYR H 3 -2.89 15.87 3.80
N VAL H 4 -2.81 16.33 5.05
CA VAL H 4 -3.73 15.93 6.10
C VAL H 4 -4.38 17.17 6.70
N LYS H 5 -5.47 16.97 7.42
CA LYS H 5 -6.24 18.07 7.99
C LYS H 5 -6.26 17.95 9.51
N LEU H 6 -5.88 19.03 10.19
CA LEU H 6 -5.94 19.13 11.64
C LEU H 6 -6.90 20.24 11.99
N ILE H 7 -7.88 19.94 12.83
CA ILE H 7 -8.94 20.89 13.17
C ILE H 7 -8.78 21.28 14.63
N SER H 8 -8.89 22.58 14.91
CA SER H 8 -8.77 23.10 16.25
C SER H 8 -10.11 23.03 16.98
N SER H 9 -10.07 23.33 18.28
CA SER H 9 -11.28 23.26 19.09
C SER H 9 -12.31 24.30 18.67
N ASP H 10 -11.87 25.44 18.17
CA ASP H 10 -12.76 26.49 17.69
C ASP H 10 -13.07 26.36 16.21
N GLY H 11 -12.78 25.20 15.60
CA GLY H 11 -13.23 24.88 14.27
C GLY H 11 -12.30 25.26 13.13
N HIS H 12 -11.12 25.82 13.41
CA HIS H 12 -10.20 26.17 12.34
C HIS H 12 -9.60 24.91 11.73
N GLU H 13 -9.51 24.89 10.41
CA GLU H 13 -9.00 23.74 9.67
C GLU H 13 -7.61 24.08 9.13
N PHE H 14 -6.62 23.27 9.52
CA PHE H 14 -5.23 23.46 9.13
C PHE H 14 -4.82 22.29 8.26
N ILE H 15 -4.55 22.57 6.98
CA ILE H 15 -4.14 21.56 6.02
C ILE H 15 -2.63 21.66 5.87
N VAL H 16 -1.92 20.61 6.28
CA VAL H 16 -0.46 20.57 6.23
C VAL H 16 -0.02 19.32 5.47
N LYS H 17 1.25 19.32 5.07
CA LYS H 17 1.80 18.15 4.38
C LYS H 17 1.84 16.96 5.32
N ARG H 18 1.58 15.77 4.76
CA ARG H 18 1.55 14.56 5.57
C ARG H 18 2.89 14.33 6.26
N GLU H 19 3.99 14.45 5.49
CA GLU H 19 5.32 14.23 6.07
C GLU H 19 5.62 15.23 7.18
N HIS H 20 5.09 16.45 7.09
CA HIS H 20 5.30 17.44 8.15
C HIS H 20 4.47 17.11 9.39
N ALA H 21 3.27 16.56 9.20
CA ALA H 21 2.45 16.19 10.34
C ALA H 21 3.01 14.97 11.07
N LEU H 22 3.68 14.08 10.34
CA LEU H 22 4.29 12.91 10.96
C LEU H 22 5.42 13.27 11.93
N THR H 23 5.83 14.54 11.96
CA THR H 23 6.80 15.00 12.96
C THR H 23 6.29 14.72 14.37
N SER H 24 5.01 14.96 14.61
CA SER H 24 4.40 14.59 15.88
C SER H 24 4.22 13.08 15.92
N GLY H 25 4.83 12.43 16.93
CA GLY H 25 4.69 11.00 17.06
C GLY H 25 3.26 10.58 17.34
N THR H 26 2.51 11.43 18.05
CA THR H 26 1.11 11.14 18.32
C THR H 26 0.29 11.15 17.03
N ILE H 27 0.45 12.20 16.22
CA ILE H 27 -0.27 12.29 14.95
C ILE H 27 0.08 11.13 14.04
N LYS H 28 1.33 10.65 14.10
CA LYS H 28 1.73 9.47 13.34
C LYS H 28 0.88 8.26 13.71
N ALA H 29 0.56 8.11 15.00
CA ALA H 29 -0.28 7.00 15.42
C ALA H 29 -1.74 7.23 15.02
N MET H 30 -2.26 8.42 15.31
CA MET H 30 -3.65 8.74 14.97
C MET H 30 -3.87 8.71 13.46
N ASN H 43 -7.56 10.72 7.61
CA ASN H 43 -7.08 11.91 6.94
C ASN H 43 -7.35 13.18 7.75
N GLU H 44 -8.52 13.22 8.39
CA GLU H 44 -8.90 14.35 9.23
C GLU H 44 -8.59 14.04 10.70
N VAL H 45 -8.30 15.10 11.46
CA VAL H 45 -7.88 14.99 12.85
C VAL H 45 -8.50 16.13 13.64
N ASN H 46 -9.21 15.80 14.72
CA ASN H 46 -9.93 16.78 15.52
C ASN H 46 -9.26 16.92 16.88
N PHE H 47 -8.91 18.15 17.24
CA PHE H 47 -8.32 18.45 18.54
C PHE H 47 -9.33 19.27 19.32
N ARG H 48 -10.12 18.59 20.15
CA ARG H 48 -11.15 19.29 20.92
C ARG H 48 -10.57 20.16 22.01
N GLU H 49 -9.25 20.11 22.25
CA GLU H 49 -8.63 20.84 23.35
C GLU H 49 -7.62 21.89 22.91
N ILE H 50 -7.23 21.92 21.64
CA ILE H 50 -6.20 22.81 21.14
C ILE H 50 -6.87 23.91 20.32
N PRO H 51 -6.89 25.16 20.79
CA PRO H 51 -7.51 26.24 20.01
C PRO H 51 -6.67 26.62 18.80
N SER H 52 -7.22 27.52 17.98
CA SER H 52 -6.57 27.83 16.71
C SER H 52 -5.28 28.62 16.91
N HIS H 53 -5.24 29.52 17.89
CA HIS H 53 -4.03 30.29 18.15
C HIS H 53 -2.90 29.44 18.72
N VAL H 54 -3.17 28.18 19.06
CA VAL H 54 -2.13 27.25 19.45
C VAL H 54 -1.85 26.23 18.35
N LEU H 55 -2.90 25.73 17.68
CA LEU H 55 -2.69 24.76 16.61
C LEU H 55 -1.96 25.39 15.43
N SER H 56 -2.18 26.69 15.18
CA SER H 56 -1.44 27.35 14.11
C SER H 56 0.05 27.37 14.41
N LYS H 57 0.43 27.60 15.68
CA LYS H 57 1.85 27.58 16.01
C LYS H 57 2.43 26.18 15.86
N VAL H 58 1.65 25.14 16.20
CA VAL H 58 2.12 23.77 16.08
C VAL H 58 2.45 23.45 14.62
N CYS H 59 1.57 23.85 13.69
CA CYS H 59 1.87 23.66 12.27
C CYS H 59 3.10 24.46 11.86
N MET H 60 3.23 25.68 12.40
CA MET H 60 4.42 26.48 12.13
C MET H 60 5.68 25.78 12.61
N TYR H 61 5.60 25.04 13.71
CA TYR H 61 6.74 24.25 14.18
C TYR H 61 7.03 23.09 13.25
N PHE H 62 6.00 22.50 12.62
CA PHE H 62 6.24 21.40 11.69
C PHE H 62 7.09 21.86 10.52
N THR H 63 6.78 23.03 9.97
CA THR H 63 7.62 23.59 8.91
C THR H 63 9.01 23.90 9.42
N TYR H 64 9.11 24.43 10.64
CA TYR H 64 10.40 24.76 11.23
C TYR H 64 11.28 23.52 11.35
N LYS H 65 10.76 22.45 11.98
CA LYS H 65 11.58 21.28 12.26
C LYS H 65 12.01 20.57 10.98
N VAL H 66 11.10 20.44 10.01
CA VAL H 66 11.43 19.73 8.77
C VAL H 66 12.49 20.49 7.99
N ARG H 67 12.40 21.83 7.98
CA ARG H 67 13.34 22.62 7.22
C ARG H 67 14.73 22.63 7.84
N TYR H 68 14.81 22.68 9.17
CA TYR H 68 16.08 22.92 9.83
C TYR H 68 16.71 21.67 10.45
N THR H 69 16.03 20.53 10.42
CA THR H 69 16.63 19.30 10.91
C THR H 69 17.70 18.83 9.93
N ASN H 70 18.92 18.65 10.44
CA ASN H 70 20.07 18.26 9.62
C ASN H 70 20.30 19.22 8.47
N GLU H 74 22.57 28.12 9.36
CA GLU H 74 22.35 28.63 10.70
C GLU H 74 20.86 28.58 11.05
N ILE H 75 20.56 28.10 12.24
CA ILE H 75 19.19 27.82 12.66
C ILE H 75 18.69 29.00 13.50
N PRO H 76 17.55 29.59 13.16
CA PRO H 76 17.00 30.70 13.95
C PRO H 76 16.12 30.21 15.10
N GLU H 77 15.81 31.14 16.00
CA GLU H 77 14.98 30.83 17.15
C GLU H 77 13.53 30.65 16.74
N PHE H 78 12.87 29.67 17.35
CA PHE H 78 11.43 29.47 17.14
C PHE H 78 10.66 30.39 18.07
N PRO H 79 9.97 31.41 17.56
CA PRO H 79 9.35 32.39 18.45
C PRO H 79 8.03 31.88 19.00
N ILE H 80 7.80 32.18 20.28
CA ILE H 80 6.58 31.78 20.98
C ILE H 80 6.14 32.96 21.82
N ALA H 81 4.97 33.52 21.51
CA ALA H 81 4.49 34.67 22.24
C ALA H 81 4.20 34.28 23.70
N PRO H 82 4.45 35.17 24.65
CA PRO H 82 4.19 34.81 26.06
C PRO H 82 2.74 34.42 26.33
N GLU H 83 1.77 35.02 25.63
CA GLU H 83 0.36 34.79 25.92
C GLU H 83 -0.11 33.41 25.52
N ILE H 84 0.65 32.68 24.70
CA ILE H 84 0.24 31.38 24.21
C ILE H 84 1.15 30.25 24.68
N ALA H 85 2.22 30.56 25.43
CA ALA H 85 3.19 29.52 25.78
C ALA H 85 2.58 28.47 26.71
N LEU H 86 1.72 28.91 27.64
CA LEU H 86 1.12 27.99 28.60
C LEU H 86 0.29 26.92 27.89
N GLU H 87 -0.56 27.34 26.94
CA GLU H 87 -1.36 26.37 26.21
C GLU H 87 -0.51 25.57 25.23
N LEU H 88 0.44 26.22 24.56
CA LEU H 88 1.28 25.52 23.60
C LEU H 88 2.11 24.43 24.28
N LEU H 89 2.52 24.65 25.53
CA LEU H 89 3.26 23.62 26.26
C LEU H 89 2.40 22.38 26.46
N MET H 90 1.15 22.58 26.89
CA MET H 90 0.25 21.45 27.08
C MET H 90 -0.05 20.76 25.76
N ALA H 91 -0.16 21.53 24.67
CA ALA H 91 -0.38 20.93 23.36
C ALA H 91 0.83 20.12 22.91
N ALA H 92 2.04 20.69 23.06
CA ALA H 92 3.25 19.99 22.68
C ALA H 92 3.44 18.72 23.51
N ASN H 93 3.01 18.75 24.77
CA ASN H 93 3.11 17.56 25.61
C ASN H 93 2.30 16.40 25.04
N PHE H 94 1.06 16.67 24.61
CA PHE H 94 0.22 15.60 24.07
C PHE H 94 0.68 15.17 22.68
N LEU H 95 1.06 16.14 21.83
CA LEU H 95 1.42 15.81 20.45
C LEU H 95 2.77 15.11 20.34
N ASP H 96 3.58 15.11 21.40
CA ASP H 96 4.89 14.44 21.42
C ASP H 96 5.77 14.94 20.26
N CYS H 97 6.11 16.23 20.33
CA CYS H 97 6.95 16.84 19.31
C CYS H 97 7.78 17.97 19.90
N LEU I 12 34.35 11.04 30.90
CA LEU I 12 34.29 12.30 30.16
C LEU I 12 35.18 13.36 30.81
N ARG I 13 36.41 13.47 30.31
CA ARG I 13 37.36 14.44 30.81
C ARG I 13 38.33 14.80 29.69
N SER I 14 39.10 15.86 29.92
CA SER I 14 40.11 16.28 28.95
C SER I 14 41.39 15.47 29.11
N VAL I 15 42.03 15.18 27.99
CA VAL I 15 43.32 14.49 27.99
C VAL I 15 44.43 15.51 28.21
N ASN I 16 45.27 15.26 29.22
CA ASN I 16 46.37 16.16 29.57
C ASN I 16 47.51 15.97 28.56
N SER I 17 47.23 16.32 27.31
CA SER I 17 48.16 16.08 26.22
C SER I 17 49.30 17.09 26.16
N ARG I 18 49.11 18.28 26.72
CA ARG I 18 50.09 19.38 26.66
C ARG I 18 50.39 19.80 25.22
N GLU I 19 49.55 19.40 24.27
CA GLU I 19 49.75 19.76 22.87
C GLU I 19 48.84 20.93 22.54
N PRO I 20 49.37 22.13 22.32
CA PRO I 20 48.50 23.28 22.01
C PRO I 20 47.68 23.04 20.74
N SER I 21 46.52 23.68 20.70
CA SER I 21 45.62 23.60 19.55
C SER I 21 44.83 24.89 19.50
N GLN I 22 44.96 25.64 18.41
CA GLN I 22 44.29 26.92 18.28
C GLN I 22 42.88 26.72 17.75
N VAL I 23 41.91 27.30 18.45
CA VAL I 23 40.50 27.09 18.16
C VAL I 23 39.82 28.44 18.01
N ILE I 24 38.87 28.54 17.08
CA ILE I 24 38.01 29.70 16.93
C ILE I 24 36.61 29.33 17.42
N PHE I 25 36.16 29.99 18.49
CA PHE I 25 34.80 29.84 18.97
C PHE I 25 33.86 30.74 18.16
N ASN I 27 30.09 31.78 17.44
CA ASN I 27 28.73 31.74 17.95
C ASN I 27 27.71 32.10 16.87
N ARG I 28 27.28 31.10 16.10
CA ARG I 28 26.24 31.29 15.09
C ARG I 28 24.84 31.00 15.66
N SER I 29 24.56 31.55 16.84
CA SER I 29 23.32 31.34 17.56
C SER I 29 22.87 32.68 18.14
N PRO I 30 21.55 32.84 18.38
CA PRO I 30 21.06 34.10 18.95
C PRO I 30 21.11 34.14 20.47
N ARG I 31 21.91 33.26 21.07
CA ARG I 31 22.04 33.18 22.52
C ARG I 31 23.42 33.67 22.95
N VAL I 32 23.49 34.14 24.19
CA VAL I 32 24.77 34.39 24.84
C VAL I 32 25.36 33.03 25.22
N VAL I 33 26.46 32.65 24.58
CA VAL I 33 27.03 31.31 24.70
C VAL I 33 28.01 31.28 25.86
N LEU I 34 27.88 30.26 26.71
CA LEU I 34 28.84 30.02 27.77
C LEU I 34 29.67 28.80 27.40
N PRO I 35 30.94 28.96 27.04
CA PRO I 35 31.78 27.78 26.78
C PRO I 35 32.18 27.12 28.09
N VAL I 36 32.15 25.79 28.10
CA VAL I 36 32.41 25.02 29.30
C VAL I 36 33.50 23.99 28.98
N TRP I 37 34.63 24.09 29.70
CA TRP I 37 35.72 23.14 29.55
C TRP I 37 35.64 22.10 30.66
N LEU I 38 35.79 20.83 30.30
CA LEU I 38 35.87 19.75 31.28
C LEU I 38 37.33 19.54 31.65
N ASN I 39 37.67 19.78 32.91
CA ASN I 39 39.07 19.70 33.34
C ASN I 39 39.49 18.22 33.44
N PHE I 40 40.71 18.00 33.94
CA PHE I 40 41.28 16.66 33.93
C PHE I 40 40.59 15.71 34.90
N ASP I 41 39.79 16.25 35.84
CA ASP I 41 38.96 15.43 36.71
C ASP I 41 37.53 15.32 36.22
N GLY I 42 37.23 15.78 35.01
CA GLY I 42 35.89 15.75 34.49
C GLY I 42 34.97 16.84 35.02
N GLU I 43 35.49 17.76 35.83
CA GLU I 43 34.67 18.82 36.39
C GLU I 43 34.48 19.95 35.37
N PRO I 44 33.24 20.40 35.14
CA PRO I 44 33.04 21.47 34.16
C PRO I 44 33.58 22.80 34.65
N GLN I 45 34.22 23.53 33.74
CA GLN I 45 34.83 24.83 34.06
C GLN I 45 34.32 25.88 33.08
N PRO I 46 33.57 26.88 33.54
CA PRO I 46 33.07 27.90 32.63
C PRO I 46 34.17 28.87 32.20
N TYR I 47 34.00 29.39 30.98
CA TYR I 47 34.91 30.37 30.40
C TYR I 47 34.12 31.63 30.03
N PRO I 48 34.78 32.74 29.68
CA PRO I 48 34.03 33.96 29.34
C PRO I 48 32.99 33.74 28.25
N THR I 49 31.88 34.45 28.38
CA THR I 49 30.72 34.26 27.52
C THR I 49 30.96 34.90 26.14
N LEU I 50 30.16 34.47 25.17
CA LEU I 50 30.24 34.96 23.80
C LEU I 50 28.92 35.62 23.43
N PRO I 51 28.91 36.91 23.09
CA PRO I 51 27.68 37.54 22.59
C PRO I 51 27.26 36.87 21.29
N PRO I 52 25.97 36.97 20.94
CA PRO I 52 25.50 36.33 19.71
C PRO I 52 26.16 36.91 18.47
N GLY I 53 26.44 36.04 17.50
CA GLY I 53 27.05 36.46 16.25
C GLY I 53 28.49 36.88 16.34
N THR I 54 29.16 36.63 17.45
CA THR I 54 30.55 37.01 17.63
C THR I 54 31.45 35.78 17.65
N GLY I 55 32.72 36.00 17.31
CA GLY I 55 33.71 34.94 17.34
C GLY I 55 34.88 35.30 18.25
N ARG I 56 35.69 34.31 18.62
CA ARG I 56 36.82 34.57 19.50
C ARG I 56 37.86 33.48 19.32
N ARG I 57 39.12 33.88 19.21
CA ARG I 57 40.22 32.93 19.20
C ARG I 57 40.56 32.54 20.62
N ILE I 58 40.67 31.24 20.87
CA ILE I 58 41.03 30.74 22.19
C ILE I 58 42.11 29.69 22.01
N HIS I 59 42.99 29.60 23.00
CA HIS I 59 44.11 28.67 23.00
C HIS I 59 43.73 27.45 23.84
N SER I 60 43.68 26.29 23.22
CA SER I 60 43.27 25.07 23.89
C SER I 60 44.34 23.99 23.65
N TYR I 61 43.96 22.73 23.83
CA TYR I 61 44.91 21.64 23.69
C TYR I 61 44.22 20.46 23.02
N ARG I 62 45.03 19.64 22.36
CA ARG I 62 44.49 18.45 21.70
C ARG I 62 43.95 17.48 22.74
N GLY I 63 42.80 16.88 22.43
CA GLY I 63 42.18 15.93 23.33
C GLY I 63 41.34 16.53 24.44
N HIS I 64 41.25 17.86 24.52
CA HIS I 64 40.41 18.49 25.52
C HIS I 64 38.94 18.42 25.09
N LEU I 65 38.05 18.60 26.06
CA LEU I 65 36.61 18.44 25.85
C LEU I 65 35.89 19.75 26.16
N TRP I 66 35.04 20.18 25.22
CA TRP I 66 34.27 21.40 25.36
C TRP I 66 32.80 21.13 25.10
N LEU I 67 31.95 21.88 25.79
CA LEU I 67 30.54 21.96 25.47
C LEU I 67 30.07 23.39 25.70
N PHE I 68 28.95 23.74 25.09
CA PHE I 68 28.49 25.13 25.03
C PHE I 68 27.02 25.20 25.38
N ARG I 69 26.66 26.16 26.23
CA ARG I 69 25.31 26.30 26.76
C ARG I 69 24.87 27.75 26.68
N ASP I 70 23.57 27.95 26.87
CA ASP I 70 23.06 29.29 27.09
C ASP I 70 23.62 29.83 28.40
N ALA I 71 24.23 31.02 28.36
CA ALA I 71 24.87 31.56 29.55
C ALA I 71 23.86 31.83 30.66
N GLY I 72 22.63 32.17 30.31
CA GLY I 72 21.64 32.53 31.30
C GLY I 72 20.83 31.35 31.82
N THR I 73 20.36 30.50 30.90
CA THR I 73 19.41 29.45 31.23
C THR I 73 20.01 28.05 31.13
N HIS I 74 21.27 27.94 30.71
CA HIS I 74 21.98 26.66 30.57
C HIS I 74 21.32 25.71 29.58
N ASP I 75 20.49 26.24 28.67
CA ASP I 75 19.96 25.41 27.59
C ASP I 75 21.11 24.84 26.76
N GLY I 76 20.95 23.60 26.32
CA GLY I 76 21.99 22.96 25.54
C GLY I 76 22.14 23.58 24.17
N LEU I 77 23.37 23.57 23.66
CA LEU I 77 23.66 24.04 22.32
C LEU I 77 24.50 23.00 21.61
N LEU I 78 24.58 23.13 20.30
CA LEU I 78 25.36 22.22 19.46
C LEU I 78 26.62 22.92 19.01
N VAL I 79 27.70 22.16 18.90
CA VAL I 79 28.98 22.66 18.38
C VAL I 79 29.42 21.72 17.27
N ASN I 80 29.59 22.27 16.07
CA ASN I 80 29.85 21.47 14.88
C ASN I 80 28.76 20.42 14.70
N THR I 82 27.17 18.37 16.99
CA THR I 82 27.34 17.40 18.08
C THR I 82 27.37 18.12 19.42
N GLU I 83 27.44 17.34 20.51
CA GLU I 83 27.39 17.89 21.86
C GLU I 83 28.76 18.33 22.35
N LEU I 84 29.79 17.53 22.08
CA LEU I 84 31.14 17.78 22.57
C LEU I 84 32.05 18.22 21.42
N PHE I 85 33.00 19.09 21.76
CA PHE I 85 34.01 19.55 20.80
C PHE I 85 35.38 19.19 21.33
N VAL I 86 36.16 18.47 20.52
CA VAL I 86 37.51 18.07 20.88
C VAL I 86 38.52 18.70 19.92
N PRO I 87 39.30 19.69 20.36
CA PRO I 87 40.32 20.28 19.48
C PRO I 87 41.29 19.22 19.01
N SER I 88 41.66 19.30 17.74
CA SER I 88 42.52 18.33 17.10
C SER I 88 43.85 18.98 16.72
N LEU I 89 44.61 18.31 15.85
CA LEU I 89 45.87 18.84 15.38
C LEU I 89 45.66 20.01 14.41
N ASN I 90 46.38 21.11 14.63
CA ASN I 90 46.41 22.21 13.67
C ASN I 90 47.28 21.81 12.47
N VAL I 91 46.72 21.86 11.27
CA VAL I 91 47.43 21.50 10.06
C VAL I 91 47.75 22.77 9.29
N ASP I 92 49.05 23.09 9.18
CA ASP I 92 49.53 24.28 8.48
C ASP I 92 48.94 25.56 9.07
N GLY I 93 49.06 25.68 10.39
CA GLY I 93 48.61 26.87 11.11
C GLY I 93 47.14 27.20 10.97
N GLN I 94 46.30 26.22 10.65
CA GLN I 94 44.87 26.46 10.50
C GLN I 94 44.17 26.25 11.83
N PRO I 95 43.49 27.26 12.37
CA PRO I 95 42.76 27.06 13.62
C PRO I 95 41.53 26.19 13.40
N ILE I 96 41.13 25.47 14.45
CA ILE I 96 39.97 24.61 14.38
C ILE I 96 38.72 25.43 14.68
N PHE I 97 37.72 25.33 13.80
CA PHE I 97 36.49 26.09 13.97
C PHE I 97 35.50 25.30 14.81
N ALA I 98 34.95 25.93 15.84
CA ALA I 98 33.92 25.35 16.70
C ALA I 98 32.64 26.17 16.49
N ASN I 99 31.79 25.72 15.58
CA ASN I 99 30.58 26.44 15.21
C ASN I 99 29.47 26.11 16.20
N ILE I 100 29.12 27.08 17.03
CA ILE I 100 28.07 26.94 18.04
C ILE I 100 26.75 27.42 17.44
N THR I 101 25.78 26.51 17.34
CA THR I 101 24.49 26.81 16.74
C THR I 101 23.36 26.38 17.65
N LEU I 102 22.18 26.90 17.38
CA LEU I 102 20.97 26.43 18.03
C LEU I 102 20.64 25.04 17.52
N PRO I 103 20.36 24.07 18.39
CA PRO I 103 19.78 22.81 17.93
C PRO I 103 18.31 23.00 17.59
N VAL I 104 17.75 22.00 16.93
CA VAL I 104 16.31 21.99 16.70
C VAL I 104 15.63 21.45 17.95
N TYR I 105 15.36 22.34 18.91
CA TYR I 105 14.65 21.94 20.12
C TYR I 105 13.29 21.33 19.77
N THR I 106 12.85 20.38 20.59
CA THR I 106 11.47 19.95 20.51
C THR I 106 10.56 21.10 20.93
N LEU I 107 9.36 21.12 20.36
CA LEU I 107 8.40 22.16 20.72
C LEU I 107 8.12 22.16 22.21
N LYS I 108 8.15 20.98 22.84
CA LYS I 108 7.90 20.91 24.28
C LYS I 108 9.00 21.62 25.05
N GLU I 109 10.26 21.34 24.71
CA GLU I 109 11.36 21.98 25.42
C GLU I 109 11.39 23.48 25.15
N ARG I 110 11.14 23.89 23.91
CA ARG I 110 11.07 25.31 23.60
C ARG I 110 9.97 25.99 24.41
N CYS I 111 8.83 25.33 24.59
CA CYS I 111 7.79 25.89 25.44
C CYS I 111 8.26 25.97 26.89
N LEU I 112 8.93 24.93 27.38
CA LEU I 112 9.45 24.97 28.75
C LEU I 112 10.41 26.13 28.92
N GLN I 113 11.26 26.39 27.92
CA GLN I 113 12.20 27.50 28.01
C GLN I 113 11.48 28.82 28.17
N VAL I 114 10.49 29.09 27.31
CA VAL I 114 9.79 30.37 27.35
C VAL I 114 9.06 30.53 28.68
N VAL I 115 8.39 29.47 29.15
CA VAL I 115 7.65 29.56 30.41
C VAL I 115 8.61 29.79 31.58
N ARG I 116 9.74 29.07 31.59
CA ARG I 116 10.75 29.30 32.63
C ARG I 116 11.22 30.75 32.62
N SER I 117 11.31 31.36 31.45
CA SER I 117 11.81 32.73 31.34
C SER I 117 10.78 33.77 31.75
N LEU I 118 9.51 33.39 31.85
CA LEU I 118 8.45 34.34 32.15
C LEU I 118 7.97 34.28 33.60
N VAL I 119 8.08 33.13 34.25
CA VAL I 119 7.56 32.95 35.60
C VAL I 119 8.71 32.58 36.55
N LYS I 120 8.60 33.07 37.79
CA LYS I 120 9.63 32.83 38.79
C LYS I 120 9.52 31.42 39.36
N PRO I 121 10.64 30.77 39.65
CA PRO I 121 10.64 29.38 40.16
C PRO I 121 9.88 29.23 41.48
N ASN I 123 6.95 30.35 41.71
CA ASN I 123 5.61 30.55 41.18
C ASN I 123 5.26 29.49 40.16
N TYR I 124 6.11 28.45 40.07
CA TYR I 124 5.85 27.35 39.16
C TYR I 124 4.55 26.66 39.49
N ARG I 125 4.24 26.53 40.78
CA ARG I 125 3.04 25.80 41.21
C ARG I 125 1.76 26.62 40.99
N ARG I 126 1.86 27.93 40.86
CA ARG I 126 0.70 28.77 40.65
C ARG I 126 0.12 28.70 39.23
N LEU I 127 0.65 27.82 38.39
CA LEU I 127 0.16 27.67 37.03
C LEU I 127 -0.94 26.61 36.97
N ASP I 128 -1.78 26.72 35.95
CA ASP I 128 -2.91 25.80 35.79
C ASP I 128 -2.56 24.71 34.78
N ILE I 129 -1.59 23.87 35.18
CA ILE I 129 -1.12 22.78 34.35
C ILE I 129 -1.08 21.51 35.19
N VAL I 130 -0.90 20.38 34.51
CA VAL I 130 -0.87 19.09 35.19
C VAL I 130 0.37 18.99 36.06
N ARG I 131 0.35 18.02 36.98
CA ARG I 131 1.49 17.81 37.87
C ARG I 131 2.71 17.31 37.12
N SER I 132 2.51 16.61 36.00
CA SER I 132 3.64 16.12 35.21
C SER I 132 4.42 17.28 34.61
N LEU I 133 3.72 18.31 34.14
CA LEU I 133 4.42 19.46 33.58
C LEU I 133 5.06 20.34 34.63
N TYR I 134 4.61 20.24 35.89
CA TYR I 134 5.27 20.95 36.98
C TYR I 134 6.71 20.49 37.13
N GLU I 135 6.93 19.18 37.17
CA GLU I 135 8.28 18.64 37.31
C GLU I 135 9.12 18.92 36.07
N ASP I 136 8.48 19.03 34.91
CA ASP I 136 9.22 19.37 33.70
C ASP I 136 9.78 20.79 33.77
N LEU I 137 9.02 21.72 34.35
CA LEU I 137 9.50 23.09 34.49
C LEU I 137 10.63 23.18 35.51
N GLU I 138 10.52 22.44 36.62
CA GLU I 138 11.52 22.50 37.67
C GLU I 138 12.82 21.78 37.29
N ASP I 139 12.75 20.81 36.37
CA ASP I 139 13.93 20.09 35.91
C ASP I 139 14.72 20.95 34.92
N HIS I 140 15.37 21.98 35.47
CA HIS I 140 16.14 22.90 34.66
C HIS I 140 17.26 22.17 33.93
N PRO I 141 17.62 22.63 32.72
CA PRO I 141 18.76 22.03 32.02
C PRO I 141 20.03 22.15 32.86
N ASN I 142 20.79 21.06 32.91
CA ASN I 142 21.91 20.94 33.84
C ASN I 142 23.10 20.33 33.13
N VAL I 143 24.27 20.97 33.26
CA VAL I 143 25.48 20.46 32.63
C VAL I 143 25.89 19.14 33.26
N GLN I 144 25.86 19.05 34.60
CA GLN I 144 26.23 17.81 35.27
C GLN I 144 25.29 16.68 34.90
N LYS I 145 23.99 16.97 34.79
CA LYS I 145 23.03 15.94 34.40
C LYS I 145 23.27 15.49 32.96
N ASP I 146 23.61 16.42 32.07
CA ASP I 146 23.90 16.07 30.68
C ASP I 146 25.15 15.20 30.57
N LEU I 147 26.17 15.50 31.39
CA LEU I 147 27.36 14.66 31.40
C LEU I 147 27.04 13.25 31.89
N GLU I 148 26.14 13.14 32.86
CA GLU I 148 25.69 11.83 33.32
C GLU I 148 24.96 11.07 32.23
N ARG I 149 24.08 11.75 31.49
CA ARG I 149 23.35 11.09 30.41
C ARG I 149 24.29 10.66 29.28
N LEU I 150 25.20 11.55 28.89
CA LEU I 150 26.15 11.21 27.83
C LEU I 150 27.02 10.03 28.23
N THR I 151 27.41 9.95 29.50
CA THR I 151 28.24 8.84 29.96
C THR I 151 27.52 7.51 29.82
N GLN I 152 26.21 7.49 30.03
CA GLN I 152 25.42 6.28 29.86
C GLN I 152 25.23 5.95 28.38
N MET J 1 31.21 1.26 -38.74
CA MET J 1 30.77 1.78 -37.46
C MET J 1 29.36 1.29 -37.12
N ASP J 2 29.21 0.76 -35.92
CA ASP J 2 27.92 0.25 -35.47
C ASP J 2 27.13 1.36 -34.78
N VAL J 3 25.85 1.46 -35.12
CA VAL J 3 24.91 2.30 -34.38
C VAL J 3 23.87 1.39 -33.74
N PHE J 4 23.53 1.69 -32.50
CA PHE J 4 22.61 0.85 -31.72
C PHE J 4 21.33 1.64 -31.49
N LEU J 5 20.20 1.01 -31.82
CA LEU J 5 18.94 1.72 -32.01
C LEU J 5 17.82 1.10 -31.20
N MET J 6 16.76 1.89 -31.03
CA MET J 6 15.54 1.49 -30.35
C MET J 6 14.44 1.90 -31.32
N ILE J 7 13.90 0.94 -32.08
CA ILE J 7 12.82 1.22 -33.03
C ILE J 7 11.51 1.09 -32.28
N ARG J 8 10.78 2.19 -32.15
CA ARG J 8 9.66 2.23 -31.23
C ARG J 8 8.37 2.66 -31.93
N ARG J 9 7.29 1.97 -31.60
CA ARG J 9 5.95 2.31 -32.08
C ARG J 9 4.96 1.90 -31.01
N HIS J 10 4.09 2.83 -30.61
CA HIS J 10 3.10 2.59 -29.58
C HIS J 10 3.76 1.99 -28.34
N LYS J 11 3.47 0.73 -28.04
CA LYS J 11 4.07 0.03 -26.92
C LYS J 11 5.03 -1.08 -27.37
N THR J 12 5.60 -0.94 -28.56
CA THR J 12 6.58 -1.86 -29.10
C THR J 12 7.94 -1.19 -29.14
N THR J 13 9.00 -1.96 -28.84
CA THR J 13 10.36 -1.45 -28.91
C THR J 13 11.27 -2.55 -29.41
N ILE J 14 11.84 -2.37 -30.59
CA ILE J 14 12.78 -3.31 -31.18
C ILE J 14 14.20 -2.83 -30.89
N PHE J 15 14.97 -3.64 -30.18
CA PHE J 15 16.38 -3.38 -29.96
C PHE J 15 17.18 -4.03 -31.08
N THR J 16 17.81 -3.22 -31.93
CA THR J 16 18.65 -3.74 -32.99
C THR J 16 19.82 -2.79 -33.22
N ASP J 17 20.79 -3.27 -34.00
CA ASP J 17 21.92 -2.45 -34.40
C ASP J 17 22.05 -2.48 -35.91
N ALA J 18 22.73 -1.46 -36.44
CA ALA J 18 22.94 -1.36 -37.88
C ALA J 18 24.25 -0.61 -38.11
N LYS J 19 24.68 -0.59 -39.36
CA LYS J 19 25.88 0.15 -39.72
C LYS J 19 25.53 1.61 -39.98
N GLU J 20 26.47 2.50 -39.64
CA GLU J 20 26.28 3.93 -39.90
C GLU J 20 26.03 4.20 -41.38
N SER J 21 26.59 3.38 -42.27
CA SER J 21 26.40 3.54 -43.71
C SER J 21 25.17 2.80 -44.24
N SER J 22 24.52 1.97 -43.42
CA SER J 22 23.31 1.30 -43.87
C SER J 22 22.20 2.33 -44.07
N THR J 23 21.19 1.96 -44.84
CA THR J 23 20.16 2.90 -45.25
C THR J 23 18.91 2.73 -44.40
N VAL J 24 18.03 3.74 -44.51
CA VAL J 24 16.73 3.66 -43.85
C VAL J 24 15.92 2.50 -44.40
N PHE J 25 16.01 2.24 -45.71
CA PHE J 25 15.26 1.14 -46.29
C PHE J 25 15.72 -0.20 -45.72
N GLU J 26 17.03 -0.38 -45.57
CA GLU J 26 17.53 -1.61 -44.97
C GLU J 26 17.06 -1.76 -43.53
N LEU J 27 16.88 -0.64 -42.83
CA LEU J 27 16.26 -0.66 -41.50
C LEU J 27 14.81 -1.12 -41.59
N LYS J 28 14.08 -0.66 -42.61
CA LYS J 28 12.69 -1.07 -42.78
C LYS J 28 12.58 -2.57 -43.01
N ARG J 29 13.55 -3.16 -43.69
CA ARG J 29 13.53 -4.60 -43.91
C ARG J 29 13.69 -5.37 -42.61
N ILE J 30 14.54 -4.85 -41.71
CA ILE J 30 14.68 -5.45 -40.38
C ILE J 30 13.34 -5.42 -39.64
N VAL J 31 12.62 -4.30 -39.74
CA VAL J 31 11.29 -4.24 -39.14
C VAL J 31 10.35 -5.24 -39.79
N GLU J 32 10.44 -5.40 -41.11
CA GLU J 32 9.56 -6.32 -41.81
C GLU J 32 9.75 -7.75 -41.31
N GLY J 33 11.00 -8.18 -41.13
CA GLY J 33 11.26 -9.51 -40.62
C GLY J 33 10.69 -9.76 -39.24
N ILE J 34 10.53 -8.72 -38.44
CA ILE J 34 10.08 -8.85 -37.05
C ILE J 34 8.59 -8.60 -36.91
N LEU J 35 8.08 -7.56 -37.59
CA LEU J 35 6.69 -7.15 -37.41
C LEU J 35 5.79 -7.54 -38.57
N LYS J 36 6.35 -8.18 -39.60
CA LYS J 36 5.56 -8.74 -40.71
C LYS J 36 4.75 -7.66 -41.43
N ARG J 37 5.44 -6.58 -41.81
CA ARG J 37 4.83 -5.46 -42.55
C ARG J 37 5.87 -4.97 -43.57
N PRO J 38 5.52 -4.90 -44.85
CA PRO J 38 6.51 -4.54 -45.88
C PRO J 38 7.05 -3.14 -45.67
N PRO J 39 8.21 -2.83 -46.24
CA PRO J 39 8.77 -1.48 -46.06
C PRO J 39 7.87 -0.36 -46.55
N ASP J 40 7.17 -0.56 -47.65
CA ASP J 40 6.31 0.50 -48.19
C ASP J 40 5.13 0.82 -47.28
N GLU J 41 4.83 -0.04 -46.31
CA GLU J 41 3.81 0.24 -45.31
C GLU J 41 4.39 0.80 -44.02
N GLN J 42 5.65 1.25 -44.03
CA GLN J 42 6.32 1.75 -42.84
C GLN J 42 6.74 3.20 -43.03
N ARG J 43 6.64 3.98 -41.96
CA ARG J 43 7.23 5.31 -41.89
C ARG J 43 8.18 5.32 -40.70
N LEU J 44 9.42 5.70 -40.94
CA LEU J 44 10.44 5.81 -39.90
C LEU J 44 10.74 7.27 -39.64
N TYR J 45 10.99 7.61 -38.37
CA TYR J 45 11.17 8.99 -37.94
C TYR J 45 12.37 9.13 -37.03
N LYS J 46 13.13 10.21 -37.21
CA LYS J 46 14.03 10.70 -36.18
C LYS J 46 13.33 11.89 -35.53
N ASP J 47 12.90 11.71 -34.27
CA ASP J 47 12.00 12.64 -33.60
C ASP J 47 10.75 12.82 -34.45
N ASP J 48 10.53 14.02 -34.99
CA ASP J 48 9.36 14.31 -35.80
C ASP J 48 9.67 14.38 -37.28
N GLN J 49 10.91 14.09 -37.67
CA GLN J 49 11.35 14.21 -39.06
C GLN J 49 11.25 12.86 -39.75
N LEU J 50 10.56 12.82 -40.88
CA LEU J 50 10.39 11.60 -41.65
C LEU J 50 11.69 11.25 -42.37
N LEU J 51 12.11 10.00 -42.24
CA LEU J 51 13.36 9.54 -42.85
C LEU J 51 13.08 9.01 -44.25
N ASP J 52 13.95 9.37 -45.20
CA ASP J 52 13.84 8.91 -46.57
C ASP J 52 14.61 7.60 -46.74
N ASP J 53 14.04 6.72 -47.58
CA ASP J 53 14.59 5.37 -47.73
C ASP J 53 16.05 5.39 -48.14
N GLY J 54 16.41 6.26 -49.08
CA GLY J 54 17.76 6.23 -49.64
C GLY J 54 18.82 6.82 -48.75
N LYS J 55 18.44 7.52 -47.69
CA LYS J 55 19.42 8.17 -46.83
C LYS J 55 20.07 7.16 -45.89
N THR J 56 21.35 7.40 -45.59
CA THR J 56 22.06 6.54 -44.66
C THR J 56 21.79 6.99 -43.23
N LEU J 57 21.99 6.06 -42.29
CA LEU J 57 21.75 6.38 -40.88
C LEU J 57 22.65 7.51 -40.41
N GLY J 58 23.92 7.51 -40.84
CA GLY J 58 24.83 8.56 -40.41
C GLY J 58 24.44 9.93 -40.92
N GLU J 59 23.90 10.00 -42.13
CA GLU J 59 23.40 11.25 -42.69
C GLU J 59 22.24 11.78 -41.85
N GLY J 61 21.93 11.51 -38.73
CA GLY J 61 22.36 11.87 -37.39
C GLY J 61 22.50 10.73 -36.41
N PHE J 62 22.47 9.49 -36.90
CA PHE J 62 22.68 8.31 -36.07
C PHE J 62 24.15 7.92 -36.19
N THR J 63 24.96 8.32 -35.20
CA THR J 63 26.39 8.09 -35.22
C THR J 63 26.80 7.16 -34.08
N SER J 64 28.02 6.65 -34.19
CA SER J 64 28.52 5.66 -33.24
C SER J 64 28.58 6.19 -31.81
N GLN J 65 28.88 7.47 -31.64
CA GLN J 65 29.06 8.04 -30.32
C GLN J 65 27.79 8.67 -29.75
N THR J 66 26.69 8.65 -30.51
CA THR J 66 25.39 9.04 -29.99
C THR J 66 24.39 7.90 -29.90
N ALA J 67 24.55 6.85 -30.70
CA ALA J 67 23.68 5.69 -30.63
C ALA J 67 24.46 4.52 -30.02
N ARG J 68 24.73 4.63 -28.73
CA ARG J 68 25.64 3.72 -28.04
C ARG J 68 24.90 2.45 -27.59
N PRO J 69 25.63 1.33 -27.40
CA PRO J 69 24.96 0.11 -26.93
C PRO J 69 24.22 0.28 -25.62
N GLN J 70 24.82 0.97 -24.66
CA GLN J 70 24.22 1.21 -23.35
C GLN J 70 23.26 2.39 -23.35
N ALA J 71 23.09 3.08 -24.48
CA ALA J 71 22.17 4.21 -24.58
C ALA J 71 21.79 4.37 -26.04
N PRO J 72 20.96 3.47 -26.55
CA PRO J 72 20.66 3.44 -27.98
C PRO J 72 19.79 4.62 -28.40
N ALA J 73 19.95 5.02 -29.65
CA ALA J 73 19.12 6.08 -30.21
C ALA J 73 17.73 5.52 -30.56
N THR J 74 16.75 6.41 -30.61
CA THR J 74 15.35 6.06 -30.85
C THR J 74 14.97 6.37 -32.29
N VAL J 75 14.35 5.41 -32.95
CA VAL J 75 13.75 5.59 -34.27
C VAL J 75 12.26 5.37 -34.13
N GLY J 76 11.45 6.36 -34.54
CA GLY J 76 10.02 6.20 -34.48
C GLY J 76 9.48 5.41 -35.66
N LEU J 77 8.40 4.66 -35.40
CA LEU J 77 7.80 3.79 -36.40
C LEU J 77 6.29 4.04 -36.48
N ALA J 78 5.80 4.15 -37.72
CA ALA J 78 4.38 4.35 -37.99
C ALA J 78 3.97 3.44 -39.14
N PHE J 79 2.90 2.68 -38.92
CA PHE J 79 2.41 1.74 -39.91
C PHE J 79 1.29 2.35 -40.73
N ARG J 80 1.03 1.75 -41.89
CA ARG J 80 -0.13 2.11 -42.69
C ARG J 80 -1.35 1.36 -42.17
N ALA J 81 -2.47 2.08 -42.01
CA ALA J 81 -3.72 1.50 -41.52
C ALA J 81 -4.83 1.87 -42.51
N ASP J 82 -5.09 0.97 -43.46
CA ASP J 82 -6.10 1.16 -44.51
C ASP J 82 -5.83 2.43 -45.30
N ASP J 83 -4.98 2.33 -46.33
CA ASP J 83 -4.68 3.41 -47.27
C ASP J 83 -3.86 4.53 -46.64
N THR J 84 -4.31 5.06 -45.49
CA THR J 84 -3.64 6.19 -44.86
C THR J 84 -2.75 5.72 -43.70
N PHE J 85 -1.66 6.45 -43.50
CA PHE J 85 -0.72 6.13 -42.43
C PHE J 85 -1.22 6.65 -41.09
N GLU J 86 -1.08 5.83 -40.05
CA GLU J 86 -1.36 6.29 -38.71
C GLU J 86 -0.32 7.33 -38.29
N ALA J 87 -0.70 8.16 -37.33
CA ALA J 87 0.21 9.16 -36.80
C ALA J 87 1.29 8.50 -35.97
N LEU J 88 2.46 9.14 -35.91
CA LEU J 88 3.55 8.63 -35.10
C LEU J 88 3.16 8.69 -33.62
N ILE J 90 4.35 7.10 -29.78
CA ILE J 90 5.26 6.31 -28.95
C ILE J 90 4.88 6.45 -27.48
N GLU J 91 4.46 5.34 -26.87
CA GLU J 91 4.09 5.38 -25.47
C GLU J 91 5.34 5.49 -24.61
N PRO J 92 5.40 6.45 -23.70
CA PRO J 92 6.58 6.55 -22.83
C PRO J 92 6.63 5.39 -21.84
N PHE J 93 7.84 5.05 -21.41
CA PHE J 93 7.99 4.00 -20.41
C PHE J 93 7.40 4.46 -19.08
N SER J 94 7.21 3.50 -18.17
CA SER J 94 6.66 3.80 -16.85
C SER J 94 7.54 4.79 -16.10
N SER J 95 6.93 5.50 -15.14
CA SER J 95 7.68 6.45 -14.33
C SER J 95 8.25 5.76 -13.10
N PRO J 96 9.54 5.94 -12.80
CA PRO J 96 10.11 5.29 -11.62
C PRO J 96 9.58 5.94 -10.36
N PRO J 97 9.57 5.22 -9.24
CA PRO J 97 9.09 5.81 -7.98
C PRO J 97 10.05 6.89 -7.50
N GLU J 98 9.58 7.66 -6.52
CA GLU J 98 10.41 8.69 -5.93
C GLU J 98 11.59 8.05 -5.21
N LEU J 99 12.73 8.73 -5.26
CA LEU J 99 13.91 8.25 -4.55
C LEU J 99 13.61 8.09 -3.06
N PRO J 100 13.90 6.94 -2.47
CA PRO J 100 13.72 6.79 -1.02
C PRO J 100 14.58 7.77 -0.24
N ASP J 101 14.21 7.96 1.04
CA ASP J 101 14.90 8.94 1.87
C ASP J 101 16.37 8.60 2.03
N VAL J 102 16.69 7.32 2.19
CA VAL J 102 18.08 6.90 2.33
C VAL J 102 18.86 6.97 1.03
N MET J 103 18.24 7.42 -0.07
CA MET J 103 18.95 7.64 -1.33
C MET J 103 18.89 9.11 -1.74
N MET K 1 17.84 -13.77 -38.69
CA MET K 1 18.12 -13.42 -37.30
C MET K 1 16.88 -13.65 -36.43
N MET K 2 17.01 -14.52 -35.44
CA MET K 2 15.90 -14.83 -34.56
C MET K 2 15.77 -13.79 -33.45
N TYR K 3 14.53 -13.50 -33.07
CA TYR K 3 14.25 -12.53 -32.03
C TYR K 3 13.31 -13.15 -31.00
N VAL K 4 13.24 -12.53 -29.83
CA VAL K 4 12.32 -12.92 -28.77
C VAL K 4 11.61 -11.67 -28.25
N LYS K 5 10.54 -11.91 -27.51
CA LYS K 5 9.71 -10.83 -26.97
C LYS K 5 9.73 -10.90 -25.45
N LEU K 6 10.06 -9.78 -24.81
CA LEU K 6 10.03 -9.65 -23.36
C LEU K 6 9.01 -8.58 -23.00
N ILE K 7 7.98 -8.95 -22.25
CA ILE K 7 6.88 -8.06 -21.96
C ILE K 7 6.99 -7.58 -20.52
N SER K 8 6.96 -6.26 -20.33
CA SER K 8 7.05 -5.69 -19.00
C SER K 8 5.70 -5.76 -18.30
N SER K 9 5.72 -5.45 -17.00
CA SER K 9 4.50 -5.51 -16.21
C SER K 9 3.45 -4.54 -16.71
N ASP K 10 3.88 -3.36 -17.17
CA ASP K 10 2.96 -2.35 -17.67
C ASP K 10 2.65 -2.50 -19.16
N GLY K 11 2.97 -3.66 -19.75
CA GLY K 11 2.51 -4.00 -21.07
C GLY K 11 3.47 -3.70 -22.20
N HIS K 12 4.56 -2.99 -21.94
CA HIS K 12 5.51 -2.67 -23.01
C HIS K 12 6.14 -3.95 -23.54
N GLU K 13 6.28 -4.03 -24.86
CA GLU K 13 6.82 -5.21 -25.53
C GLU K 13 8.20 -4.87 -26.08
N PHE K 14 9.21 -5.56 -25.60
CA PHE K 14 10.59 -5.36 -26.02
C PHE K 14 11.04 -6.57 -26.82
N ILE K 15 11.50 -6.33 -28.05
CA ILE K 15 11.91 -7.37 -28.97
C ILE K 15 13.42 -7.25 -29.15
N VAL K 16 14.15 -8.27 -28.72
CA VAL K 16 15.60 -8.26 -28.77
C VAL K 16 16.07 -9.52 -29.48
N LYS K 17 17.31 -9.49 -29.96
CA LYS K 17 17.87 -10.67 -30.62
C LYS K 17 17.94 -11.84 -29.65
N ARG K 18 17.74 -13.04 -30.19
CA ARG K 18 17.78 -14.24 -29.36
C ARG K 18 19.12 -14.36 -28.63
N GLU K 19 20.22 -14.11 -29.33
CA GLU K 19 21.54 -14.25 -28.72
C GLU K 19 21.71 -13.28 -27.55
N HIS K 20 21.18 -12.06 -27.67
CA HIS K 20 21.31 -11.09 -26.60
C HIS K 20 20.50 -11.49 -25.38
N ALA K 21 19.31 -12.07 -25.60
CA ALA K 21 18.48 -12.47 -24.47
C ALA K 21 19.08 -13.65 -23.71
N LEU K 22 19.86 -14.50 -24.40
CA LEU K 22 20.51 -15.62 -23.74
C LEU K 22 21.60 -15.18 -22.77
N THR K 23 21.91 -13.89 -22.72
CA THR K 23 22.81 -13.37 -21.69
C THR K 23 22.29 -13.72 -20.31
N SER K 24 20.98 -13.63 -20.11
CA SER K 24 20.37 -13.98 -18.83
C SER K 24 20.10 -15.49 -18.79
N GLY K 25 20.70 -16.17 -17.82
CA GLY K 25 20.48 -17.60 -17.69
C GLY K 25 19.04 -17.95 -17.35
N THR K 26 18.36 -17.07 -16.63
CA THR K 26 16.94 -17.26 -16.37
C THR K 26 16.14 -17.29 -17.67
N ILE K 27 16.42 -16.34 -18.57
CA ILE K 27 15.73 -16.31 -19.86
C ILE K 27 16.13 -17.51 -20.72
N LYS K 28 17.37 -17.99 -20.57
CA LYS K 28 17.80 -19.16 -21.33
C LYS K 28 16.97 -20.39 -20.98
N ALA K 29 16.50 -20.47 -19.74
CA ALA K 29 15.63 -21.56 -19.32
C ALA K 29 14.16 -21.26 -19.57
N MET K 30 13.75 -20.00 -19.47
CA MET K 30 12.36 -19.65 -19.77
C MET K 30 11.99 -19.96 -21.20
N LEU K 31 12.97 -19.92 -22.11
CA LEU K 31 12.71 -20.15 -23.53
C LEU K 31 12.68 -21.64 -23.85
N ASN K 43 9.03 -18.19 -27.27
CA ASN K 43 9.47 -17.00 -27.98
C ASN K 43 9.05 -15.73 -27.25
N GLU K 44 8.11 -15.87 -26.32
CA GLU K 44 7.62 -14.77 -25.50
C GLU K 44 7.84 -15.08 -24.04
N VAL K 45 8.18 -14.04 -23.26
CA VAL K 45 8.35 -14.15 -21.82
C VAL K 45 7.68 -12.95 -21.17
N ASN K 46 6.80 -13.21 -20.21
CA ASN K 46 6.06 -12.16 -19.50
C ASN K 46 6.71 -11.91 -18.15
N PHE K 47 6.90 -10.64 -17.80
CA PHE K 47 7.50 -10.25 -16.53
C PHE K 47 6.48 -9.38 -15.79
N ARG K 48 5.72 -10.01 -14.89
CA ARG K 48 4.64 -9.31 -14.19
C ARG K 48 5.14 -8.38 -13.09
N GLU K 49 6.43 -8.42 -12.75
CA GLU K 49 6.95 -7.54 -11.71
C GLU K 49 8.15 -6.73 -12.18
N ILE K 50 8.32 -6.57 -13.49
CA ILE K 50 9.38 -5.75 -14.05
C ILE K 50 8.75 -4.67 -14.91
N PRO K 51 8.68 -3.43 -14.41
CA PRO K 51 8.10 -2.35 -15.20
C PRO K 51 8.98 -1.98 -16.39
N SER K 52 8.42 -1.15 -17.27
CA SER K 52 9.09 -0.84 -18.54
C SER K 52 10.36 -0.02 -18.33
N HIS K 53 10.33 0.94 -17.40
CA HIS K 53 11.52 1.75 -17.14
C HIS K 53 12.69 0.95 -16.58
N VAL K 54 12.44 -0.28 -16.13
CA VAL K 54 13.48 -1.20 -15.71
C VAL K 54 13.84 -2.19 -16.82
N LEU K 55 12.83 -2.79 -17.44
CA LEU K 55 13.10 -3.80 -18.46
C LEU K 55 13.83 -3.19 -19.66
N SER K 56 13.56 -1.92 -19.98
CA SER K 56 14.27 -1.28 -21.07
C SER K 56 15.78 -1.20 -20.79
N LYS K 57 16.15 -0.89 -19.55
CA LYS K 57 17.57 -0.86 -19.21
C LYS K 57 18.16 -2.26 -19.21
N VAL K 58 17.39 -3.26 -18.78
CA VAL K 58 17.84 -4.64 -18.88
C VAL K 58 18.23 -4.98 -20.31
N CYS K 59 17.39 -4.58 -21.27
CA CYS K 59 17.71 -4.85 -22.67
C CYS K 59 18.94 -4.08 -23.11
N MET K 60 19.08 -2.83 -22.66
CA MET K 60 20.29 -2.08 -22.97
C MET K 60 21.54 -2.77 -22.44
N TYR K 61 21.44 -3.43 -21.28
CA TYR K 61 22.59 -4.15 -20.75
C TYR K 61 22.94 -5.35 -21.61
N PHE K 62 21.94 -6.01 -22.20
CA PHE K 62 22.22 -7.12 -23.11
C PHE K 62 23.08 -6.67 -24.29
N THR K 63 22.66 -5.59 -24.94
CA THR K 63 23.49 -5.02 -26.02
C THR K 63 24.87 -4.67 -25.51
N TYR K 64 24.94 -4.08 -24.31
CA TYR K 64 26.23 -3.71 -23.73
C TYR K 64 27.12 -4.93 -23.55
N LYS K 65 26.59 -5.98 -22.90
CA LYS K 65 27.40 -7.14 -22.58
C LYS K 65 27.88 -7.85 -23.85
N VAL K 66 27.00 -8.02 -24.83
CA VAL K 66 27.40 -8.71 -26.05
C VAL K 66 28.43 -7.88 -26.82
N ARG K 67 28.28 -6.55 -26.81
CA ARG K 67 29.18 -5.71 -27.58
C ARG K 67 30.58 -5.68 -26.98
N TYR K 68 30.70 -5.72 -25.66
CA TYR K 68 31.99 -5.46 -25.00
C TYR K 68 32.61 -6.69 -24.34
N THR K 69 32.10 -7.89 -24.61
CA THR K 69 32.66 -9.09 -24.00
C THR K 69 33.84 -9.64 -24.79
N THR K 73 38.24 -2.86 -27.76
CA THR K 73 37.97 -1.43 -27.54
C THR K 73 37.75 -1.14 -26.06
N GLU K 74 38.15 0.07 -25.63
CA GLU K 74 38.02 0.46 -24.24
C GLU K 74 36.55 0.43 -23.81
N ILE K 75 36.30 -0.21 -22.68
CA ILE K 75 34.93 -0.45 -22.23
C ILE K 75 34.43 0.78 -21.49
N PRO K 76 33.28 1.33 -21.86
CA PRO K 76 32.68 2.43 -21.09
C PRO K 76 31.82 1.91 -19.95
N GLU K 77 31.52 2.81 -19.02
CA GLU K 77 30.71 2.46 -17.87
C GLU K 77 29.26 2.27 -18.27
N PHE K 78 28.60 1.30 -17.63
CA PHE K 78 27.17 1.12 -17.84
C PHE K 78 26.40 2.08 -16.92
N PRO K 79 25.65 3.03 -17.47
CA PRO K 79 24.99 4.04 -16.62
C PRO K 79 23.67 3.54 -16.07
N ILE K 80 23.39 3.89 -14.81
CA ILE K 80 22.18 3.51 -14.11
C ILE K 80 21.72 4.70 -13.30
N ALA K 81 20.59 5.29 -13.69
CA ALA K 81 20.07 6.45 -12.96
C ALA K 81 19.70 6.04 -11.54
N PRO K 82 19.92 6.90 -10.54
CA PRO K 82 19.61 6.53 -9.15
C PRO K 82 18.15 6.16 -8.93
N GLU K 83 17.24 6.59 -9.80
CA GLU K 83 15.81 6.36 -9.56
C GLU K 83 15.38 4.94 -9.89
N ILE K 84 16.16 4.20 -10.67
CA ILE K 84 15.82 2.85 -11.08
C ILE K 84 16.76 1.80 -10.50
N ALA K 85 17.73 2.20 -9.67
CA ALA K 85 18.74 1.25 -9.22
C ALA K 85 18.14 0.13 -8.38
N LEU K 86 17.25 0.47 -7.44
CA LEU K 86 16.67 -0.54 -6.57
C LEU K 86 15.89 -1.59 -7.36
N GLU K 87 15.02 -1.14 -8.27
CA GLU K 87 14.24 -2.10 -9.04
C GLU K 87 15.13 -2.88 -10.00
N LEU K 88 16.09 -2.21 -10.64
CA LEU K 88 17.00 -2.91 -11.54
C LEU K 88 17.80 -3.97 -10.81
N LEU K 89 18.14 -3.73 -9.54
CA LEU K 89 18.86 -4.73 -8.76
C LEU K 89 18.02 -5.97 -8.57
N MET K 90 16.74 -5.80 -8.22
CA MET K 90 15.85 -6.94 -8.05
C MET K 90 15.69 -7.70 -9.36
N ALA K 91 15.48 -6.97 -10.46
CA ALA K 91 15.31 -7.62 -11.76
C ALA K 91 16.58 -8.38 -12.15
N ALA K 92 17.75 -7.76 -11.96
CA ALA K 92 19.00 -8.44 -12.26
C ALA K 92 19.19 -9.66 -11.37
N ASN K 93 18.77 -9.57 -10.10
CA ASN K 93 18.84 -10.73 -9.21
C ASN K 93 18.00 -11.89 -9.73
N PHE K 94 16.77 -11.60 -10.18
CA PHE K 94 15.90 -12.65 -10.70
C PHE K 94 16.42 -13.18 -12.04
N LEU K 95 16.92 -12.30 -12.91
CA LEU K 95 17.34 -12.69 -14.25
C LEU K 95 18.72 -13.34 -14.28
N ASP K 96 19.48 -13.26 -13.19
CA ASP K 96 20.81 -13.85 -13.10
C ASP K 96 21.69 -13.39 -14.26
N CYS K 97 21.91 -12.08 -14.31
CA CYS K 97 22.76 -11.49 -15.33
C CYS K 97 23.52 -10.28 -14.78
N VAL L 11 50.62 -18.22 -1.07
CA VAL L 11 51.00 -18.72 -2.38
C VAL L 11 51.12 -17.57 -3.37
N LEU L 12 50.11 -16.71 -3.43
CA LEU L 12 50.12 -15.54 -4.31
C LEU L 12 51.02 -14.47 -3.70
N ARG L 13 52.28 -14.44 -4.13
CA ARG L 13 53.23 -13.47 -3.63
C ARG L 13 54.16 -13.06 -4.77
N SER L 14 54.94 -12.01 -4.52
CA SER L 14 55.97 -11.59 -5.46
C SER L 14 57.24 -12.43 -5.25
N VAL L 15 57.85 -12.83 -6.35
CA VAL L 15 59.15 -13.49 -6.33
C VAL L 15 60.24 -12.42 -6.19
N ASN L 16 61.07 -12.52 -5.14
CA ASN L 16 62.14 -11.56 -4.89
C ASN L 16 63.31 -11.85 -5.83
N SER L 17 63.17 -11.38 -7.07
CA SER L 17 64.19 -11.62 -8.09
C SER L 17 65.23 -10.51 -8.17
N ARG L 18 64.90 -9.30 -7.70
CA ARG L 18 65.76 -8.13 -7.81
C ARG L 18 66.11 -7.78 -9.24
N GLU L 19 65.35 -8.30 -10.21
CA GLU L 19 65.59 -8.01 -11.61
C GLU L 19 64.66 -6.91 -12.07
N PRO L 20 65.16 -5.69 -12.29
CA PRO L 20 64.26 -4.58 -12.61
C PRO L 20 63.44 -4.84 -13.87
N SER L 21 62.31 -4.14 -13.94
CA SER L 21 61.40 -4.24 -15.08
C SER L 21 60.58 -2.95 -15.14
N GLN L 22 60.68 -2.23 -16.26
CA GLN L 22 60.00 -0.95 -16.41
C GLN L 22 58.59 -1.18 -16.93
N VAL L 23 57.62 -0.59 -16.24
CA VAL L 23 56.20 -0.84 -16.49
C VAL L 23 55.49 0.50 -16.61
N ILE L 24 54.56 0.58 -17.56
CA ILE L 24 53.67 1.73 -17.70
C ILE L 24 52.31 1.31 -17.19
N PHE L 25 51.89 1.88 -16.06
CA PHE L 25 50.51 1.72 -15.60
C PHE L 25 49.63 2.62 -16.45
N ASN L 27 45.85 3.67 -17.27
CA ASN L 27 44.46 3.63 -16.81
C ASN L 27 43.47 3.91 -17.94
N ARG L 28 43.01 2.87 -18.61
CA ARG L 28 42.03 3.01 -19.69
C ARG L 28 40.62 2.75 -19.19
N SER L 29 40.28 3.38 -18.08
CA SER L 29 39.02 3.19 -17.38
C SER L 29 38.58 4.53 -16.82
N PRO L 30 37.27 4.69 -16.56
CA PRO L 30 36.79 5.96 -16.00
C PRO L 30 36.81 5.98 -14.48
N ARG L 31 37.54 5.06 -13.87
CA ARG L 31 37.64 4.98 -12.42
C ARG L 31 39.01 5.45 -11.96
N VAL L 32 39.05 5.99 -10.74
CA VAL L 32 40.32 6.22 -10.05
C VAL L 32 40.90 4.86 -9.66
N VAL L 33 42.05 4.53 -10.22
CA VAL L 33 42.63 3.21 -10.07
C VAL L 33 43.63 3.21 -8.92
N LEU L 34 43.53 2.21 -8.04
CA LEU L 34 44.49 2.00 -6.97
C LEU L 34 45.35 0.80 -7.34
N PRO L 35 46.61 0.98 -7.73
CA PRO L 35 47.50 -0.17 -7.92
C PRO L 35 47.81 -0.82 -6.59
N VAL L 36 47.90 -2.15 -6.60
CA VAL L 36 48.14 -2.93 -5.39
C VAL L 36 49.26 -3.92 -5.67
N TRP L 37 50.37 -3.79 -4.96
CA TRP L 37 51.48 -4.73 -5.09
C TRP L 37 51.38 -5.77 -3.98
N LEU L 38 51.55 -7.04 -4.35
CA LEU L 38 51.55 -8.15 -3.40
C LEU L 38 52.99 -8.37 -2.92
N ASN L 39 53.27 -8.02 -1.67
CA ASN L 39 54.64 -8.11 -1.18
C ASN L 39 55.07 -9.57 -1.06
N PHE L 40 56.30 -9.78 -0.59
CA PHE L 40 56.88 -11.12 -0.59
C PHE L 40 56.20 -12.06 0.39
N ASP L 41 55.36 -11.54 1.28
CA ASP L 41 54.54 -12.35 2.17
C ASP L 41 53.12 -12.55 1.65
N GLY L 42 52.79 -11.99 0.49
CA GLY L 42 51.42 -12.04 0.00
C GLY L 42 50.54 -10.92 0.48
N GLU L 43 51.06 -10.00 1.30
CA GLU L 43 50.25 -8.91 1.83
C GLU L 43 50.06 -7.83 0.78
N PRO L 44 48.83 -7.36 0.57
CA PRO L 44 48.60 -6.33 -0.45
C PRO L 44 49.12 -4.97 0.01
N GLN L 45 49.88 -4.31 -0.86
CA GLN L 45 50.46 -3.00 -0.54
C GLN L 45 49.95 -1.96 -1.53
N PRO L 46 49.34 -0.88 -1.05
CA PRO L 46 48.80 0.12 -1.96
C PRO L 46 49.86 1.10 -2.43
N TYR L 47 49.68 1.57 -3.66
CA TYR L 47 50.55 2.53 -4.32
C TYR L 47 49.72 3.73 -4.76
N PRO L 48 50.36 4.84 -5.10
CA PRO L 48 49.61 6.05 -5.46
C PRO L 48 48.60 5.78 -6.58
N THR L 49 47.48 6.50 -6.51
CA THR L 49 46.36 6.24 -7.40
C THR L 49 46.58 6.87 -8.77
N LEU L 50 45.85 6.35 -9.75
CA LEU L 50 45.91 6.85 -11.13
C LEU L 50 44.57 7.45 -11.51
N PRO L 51 44.50 8.74 -11.83
CA PRO L 51 43.24 9.33 -12.29
C PRO L 51 42.80 8.70 -13.59
N PRO L 52 41.51 8.78 -13.93
CA PRO L 52 41.03 8.20 -15.20
C PRO L 52 41.77 8.78 -16.39
N GLY L 53 42.06 7.92 -17.36
CA GLY L 53 42.70 8.33 -18.59
C GLY L 53 44.18 8.67 -18.50
N THR L 54 44.81 8.51 -17.34
CA THR L 54 46.21 8.86 -17.16
C THR L 54 47.10 7.63 -17.14
N GLY L 55 48.40 7.87 -17.31
CA GLY L 55 49.40 6.82 -17.25
C GLY L 55 50.57 7.23 -16.39
N ARG L 56 51.39 6.25 -16.02
CA ARG L 56 52.54 6.51 -15.17
C ARG L 56 53.56 5.41 -15.36
N ARG L 57 54.83 5.81 -15.47
CA ARG L 57 55.93 4.87 -15.57
C ARG L 57 56.38 4.49 -14.16
N ILE L 58 56.33 3.20 -13.85
CA ILE L 58 56.73 2.71 -12.53
C ILE L 58 57.84 1.69 -12.70
N HIS L 59 58.73 1.64 -11.72
CA HIS L 59 59.86 0.73 -11.72
C HIS L 59 59.51 -0.48 -10.86
N SER L 60 59.43 -1.64 -11.51
CA SER L 60 59.07 -2.88 -10.84
C SER L 60 60.13 -3.93 -11.12
N TYR L 61 59.78 -5.19 -10.85
CA TYR L 61 60.73 -6.29 -10.91
C TYR L 61 60.04 -7.50 -11.53
N ARG L 62 60.83 -8.34 -12.18
CA ARG L 62 60.29 -9.56 -12.78
C ARG L 62 59.74 -10.48 -11.70
N GLY L 63 58.63 -11.12 -12.00
CA GLY L 63 57.99 -12.03 -11.06
C GLY L 63 57.22 -11.38 -9.94
N HIS L 64 57.04 -10.05 -9.98
CA HIS L 64 56.21 -9.38 -9.00
C HIS L 64 54.74 -9.46 -9.40
N LEU L 65 53.85 -9.28 -8.43
CA LEU L 65 52.42 -9.44 -8.64
C LEU L 65 51.69 -8.14 -8.36
N TRP L 66 50.83 -7.74 -9.30
CA TRP L 66 50.06 -6.51 -9.20
C TRP L 66 48.60 -6.79 -9.51
N LEU L 67 47.72 -6.07 -8.82
CA LEU L 67 46.31 -6.03 -9.18
C LEU L 67 45.83 -4.59 -8.99
N PHE L 68 44.68 -4.27 -9.58
CA PHE L 68 44.23 -2.89 -9.64
C PHE L 68 42.75 -2.82 -9.31
N ARG L 69 42.37 -1.79 -8.54
CA ARG L 69 41.02 -1.66 -8.02
C ARG L 69 40.56 -0.22 -8.15
N ASP L 70 39.25 -0.03 -8.01
CA ASP L 70 38.72 1.31 -7.81
C ASP L 70 39.22 1.84 -6.47
N ALA L 71 39.82 3.03 -6.49
CA ALA L 71 40.46 3.57 -5.30
C ALA L 71 39.46 3.83 -4.18
N GLY L 72 38.23 4.19 -4.52
CA GLY L 72 37.25 4.55 -3.51
C GLY L 72 36.41 3.39 -3.02
N THR L 73 36.00 2.53 -3.94
CA THR L 73 35.05 1.46 -3.65
C THR L 73 35.66 0.07 -3.67
N HIS L 74 36.92 -0.06 -4.10
CA HIS L 74 37.64 -1.33 -4.22
C HIS L 74 36.98 -2.28 -5.23
N ASP L 75 36.16 -1.77 -6.14
CA ASP L 75 35.63 -2.60 -7.22
C ASP L 75 36.77 -3.20 -8.01
N GLY L 76 36.61 -4.46 -8.41
CA GLY L 76 37.65 -5.13 -9.16
C GLY L 76 37.85 -4.52 -10.53
N LEU L 77 39.09 -4.57 -11.01
CA LEU L 77 39.43 -4.07 -12.33
C LEU L 77 40.31 -5.09 -13.03
N LEU L 78 40.30 -5.03 -14.36
CA LEU L 78 41.10 -5.92 -15.20
C LEU L 78 42.37 -5.21 -15.65
N VAL L 79 43.44 -5.97 -15.79
CA VAL L 79 44.73 -5.47 -16.26
C VAL L 79 45.23 -6.43 -17.33
N ASN L 80 45.43 -5.91 -18.55
CA ASN L 80 45.75 -6.76 -19.71
C ASN L 80 44.77 -7.92 -19.82
N GLN L 81 43.49 -7.62 -19.63
CA GLN L 81 42.37 -8.57 -19.78
C GLN L 81 42.41 -9.72 -18.78
N THR L 82 43.10 -9.56 -17.65
CA THR L 82 43.11 -10.61 -16.64
C THR L 82 43.18 -9.95 -15.25
N GLU L 83 43.32 -10.78 -14.22
CA GLU L 83 43.22 -10.30 -12.84
C GLU L 83 44.56 -9.79 -12.32
N LEU L 84 45.65 -10.50 -12.62
CA LEU L 84 46.96 -10.20 -12.09
C LEU L 84 47.90 -9.81 -13.22
N PHE L 85 48.79 -8.84 -12.93
CA PHE L 85 49.81 -8.40 -13.87
C PHE L 85 51.18 -8.74 -13.29
N VAL L 86 51.99 -9.46 -14.05
CA VAL L 86 53.32 -9.87 -13.63
C VAL L 86 54.36 -9.21 -14.54
N PRO L 87 55.14 -8.26 -14.04
CA PRO L 87 56.17 -7.63 -14.89
C PRO L 87 57.16 -8.65 -15.41
N SER L 88 57.49 -8.55 -16.69
CA SER L 88 58.38 -9.49 -17.35
C SER L 88 59.68 -8.78 -17.74
N LEU L 89 60.46 -9.43 -18.59
CA LEU L 89 61.74 -8.88 -19.02
C LEU L 89 61.53 -7.93 -20.20
N ASN L 90 62.07 -6.71 -20.07
CA ASN L 90 62.04 -5.72 -21.14
C ASN L 90 62.95 -6.20 -22.27
N VAL L 91 62.36 -6.69 -23.36
CA VAL L 91 63.12 -7.39 -24.39
C VAL L 91 63.36 -6.52 -25.62
N ASP L 92 63.24 -5.20 -25.49
CA ASP L 92 63.46 -4.31 -26.63
C ASP L 92 63.70 -2.88 -26.16
N GLY L 93 64.06 -2.72 -24.89
CA GLY L 93 64.21 -1.39 -24.30
C GLY L 93 62.86 -0.73 -24.17
N GLN L 94 61.81 -1.54 -24.32
CA GLN L 94 60.42 -1.16 -24.27
C GLN L 94 59.86 -1.46 -22.90
N PRO L 95 59.15 -0.52 -22.29
CA PRO L 95 58.46 -0.83 -21.03
C PRO L 95 57.25 -1.72 -21.31
N ILE L 96 56.91 -2.53 -20.31
CA ILE L 96 55.73 -3.38 -20.40
C ILE L 96 54.50 -2.55 -20.03
N PHE L 97 53.49 -2.57 -20.89
CA PHE L 97 52.26 -1.83 -20.65
C PHE L 97 51.30 -2.67 -19.80
N ALA L 98 50.78 -2.07 -18.74
CA ALA L 98 49.75 -2.67 -17.89
C ALA L 98 48.44 -1.92 -18.15
N ASN L 99 47.66 -2.42 -19.11
CA ASN L 99 46.43 -1.75 -19.51
C ASN L 99 45.32 -2.12 -18.53
N ILE L 100 44.88 -1.14 -17.75
CA ILE L 100 43.83 -1.30 -16.75
C ILE L 100 42.52 -0.83 -17.37
N THR L 101 41.50 -1.69 -17.36
CA THR L 101 40.23 -1.39 -18.00
C THR L 101 39.08 -1.81 -17.10
N LEU L 102 37.94 -1.17 -17.31
CA LEU L 102 36.70 -1.61 -16.69
C LEU L 102 36.37 -3.02 -17.16
N PRO L 103 36.04 -3.94 -16.26
CA PRO L 103 35.46 -5.22 -16.69
C PRO L 103 34.00 -5.04 -17.05
N VAL L 104 33.50 -6.00 -17.84
CA VAL L 104 32.06 -6.11 -18.07
C VAL L 104 31.44 -6.72 -16.83
N TYR L 105 31.07 -5.88 -15.86
CA TYR L 105 30.38 -6.38 -14.68
C TYR L 105 29.06 -7.03 -15.06
N THR L 106 28.59 -7.96 -14.22
CA THR L 106 27.20 -8.39 -14.32
C THR L 106 26.30 -7.20 -14.00
N LEU L 107 25.07 -7.24 -14.56
CA LEU L 107 24.11 -6.19 -14.24
C LEU L 107 23.82 -6.15 -12.74
N LYS L 108 23.82 -7.29 -12.06
CA LYS L 108 23.56 -7.29 -10.62
C LYS L 108 24.68 -6.58 -9.87
N GLU L 109 25.93 -6.95 -10.16
CA GLU L 109 27.06 -6.30 -9.51
C GLU L 109 27.08 -4.80 -9.79
N ARG L 110 26.76 -4.40 -11.03
CA ARG L 110 26.72 -2.97 -11.36
C ARG L 110 25.64 -2.26 -10.54
N CYS L 111 24.46 -2.88 -10.40
CA CYS L 111 23.42 -2.30 -9.56
C CYS L 111 23.87 -2.18 -8.11
N LEU L 112 24.52 -3.22 -7.58
CA LEU L 112 25.03 -3.15 -6.22
C LEU L 112 26.04 -2.02 -6.07
N GLN L 113 26.87 -1.80 -7.09
CA GLN L 113 27.83 -0.71 -7.04
C GLN L 113 27.15 0.64 -6.90
N VAL L 114 26.14 0.88 -7.76
CA VAL L 114 25.46 2.18 -7.76
C VAL L 114 24.68 2.38 -6.46
N VAL L 115 23.98 1.35 -5.99
CA VAL L 115 23.24 1.46 -4.74
C VAL L 115 24.18 1.72 -3.58
N ARG L 116 25.33 1.03 -3.55
CA ARG L 116 26.31 1.26 -2.51
C ARG L 116 26.78 2.71 -2.51
N SER L 117 26.90 3.31 -3.69
CA SER L 117 27.37 4.69 -3.82
C SER L 117 26.31 5.72 -3.46
N LEU L 118 25.07 5.30 -3.23
CA LEU L 118 23.99 6.23 -2.91
C LEU L 118 23.46 6.08 -1.50
N VAL L 119 23.64 4.93 -0.87
CA VAL L 119 23.11 4.65 0.46
C VAL L 119 24.27 4.47 1.43
N LYS L 120 24.21 5.17 2.56
CA LYS L 120 25.19 4.98 3.60
C LYS L 120 25.10 3.56 4.15
N PRO L 121 26.22 2.96 4.58
CA PRO L 121 26.17 1.58 5.08
C PRO L 121 25.24 1.38 6.27
N GLU L 122 24.95 2.44 7.04
CA GLU L 122 23.99 2.33 8.12
C GLU L 122 22.57 2.09 7.60
N ASN L 123 22.24 2.69 6.47
CA ASN L 123 20.89 2.67 5.92
C ASN L 123 20.65 1.52 4.95
N TYR L 124 21.58 0.57 4.86
CA TYR L 124 21.35 -0.58 3.98
C TYR L 124 20.09 -1.35 4.39
N ARG L 125 19.88 -1.52 5.70
CA ARG L 125 18.73 -2.27 6.18
C ARG L 125 17.42 -1.52 5.99
N ARG L 126 17.46 -0.22 5.71
CA ARG L 126 16.26 0.57 5.52
C ARG L 126 15.79 0.59 4.06
N LEU L 127 16.23 -0.36 3.25
CA LEU L 127 15.81 -0.48 1.87
C LEU L 127 14.80 -1.61 1.72
N ASP L 128 13.65 -1.30 1.13
CA ASP L 128 12.61 -2.31 0.93
C ASP L 128 13.06 -3.36 -0.08
N ILE L 129 14.00 -4.22 0.32
CA ILE L 129 14.53 -5.26 -0.55
C ILE L 129 14.56 -6.58 0.20
N VAL L 130 14.82 -7.65 -0.55
CA VAL L 130 14.87 -9.00 0.03
C VAL L 130 16.10 -9.13 0.92
N ARG L 131 15.96 -9.94 1.98
CA ARG L 131 17.05 -10.14 2.93
C ARG L 131 18.32 -10.65 2.25
N SER L 132 18.18 -11.41 1.16
CA SER L 132 19.37 -11.87 0.44
C SER L 132 20.07 -10.71 -0.25
N LEU L 133 19.31 -9.73 -0.76
CA LEU L 133 19.92 -8.56 -1.36
C LEU L 133 20.53 -7.64 -0.32
N TYR L 134 20.01 -7.68 0.91
CA TYR L 134 20.66 -6.98 2.02
C TYR L 134 22.09 -7.46 2.21
N GLU L 135 22.30 -8.78 2.15
CA GLU L 135 23.63 -9.34 2.37
C GLU L 135 24.57 -9.00 1.22
N ASP L 136 24.06 -9.03 -0.01
CA ASP L 136 24.89 -8.70 -1.16
C ASP L 136 25.42 -7.28 -1.10
N LEU L 137 24.64 -6.34 -0.53
CA LEU L 137 25.13 -4.97 -0.39
C LEU L 137 26.25 -4.88 0.63
N GLU L 138 26.14 -5.61 1.74
CA GLU L 138 27.14 -5.55 2.79
C GLU L 138 28.43 -6.25 2.43
N ASP L 139 28.39 -7.20 1.49
CA ASP L 139 29.57 -7.92 1.04
C ASP L 139 30.37 -7.06 0.06
N HIS L 140 30.99 -6.00 0.61
CA HIS L 140 31.76 -5.08 -0.19
C HIS L 140 32.92 -5.78 -0.89
N PRO L 141 33.29 -5.33 -2.08
CA PRO L 141 34.49 -5.91 -2.75
C PRO L 141 35.72 -5.73 -1.89
N ASN L 142 36.45 -6.83 -1.69
CA ASN L 142 37.50 -6.91 -0.68
C ASN L 142 38.73 -7.56 -1.29
N VAL L 143 39.87 -6.86 -1.20
CA VAL L 143 41.09 -7.36 -1.81
C VAL L 143 41.51 -8.68 -1.18
N GLN L 144 41.48 -8.76 0.15
CA GLN L 144 41.90 -9.97 0.84
C GLN L 144 41.00 -11.15 0.47
N LYS L 145 39.69 -10.92 0.35
CA LYS L 145 38.78 -12.01 -0.02
C LYS L 145 39.04 -12.47 -1.45
N ASP L 146 39.34 -11.53 -2.36
CA ASP L 146 39.68 -11.92 -3.72
C ASP L 146 40.98 -12.71 -3.77
N LEU L 147 41.96 -12.30 -2.96
CA LEU L 147 43.21 -13.06 -2.89
C LEU L 147 42.96 -14.48 -2.41
N GLU L 148 42.07 -14.66 -1.44
CA GLU L 148 41.70 -16.00 -1.00
C GLU L 148 41.02 -16.78 -2.12
N ARG L 149 40.10 -16.13 -2.84
CA ARG L 149 39.43 -16.80 -3.96
C ARG L 149 40.42 -17.18 -5.04
N LEU L 150 41.31 -16.25 -5.42
CA LEU L 150 42.27 -16.55 -6.48
C LEU L 150 43.21 -17.67 -6.07
N THR L 151 43.63 -17.70 -4.80
CA THR L 151 44.46 -18.80 -4.32
C THR L 151 43.73 -20.13 -4.41
N GLN L 152 42.43 -20.12 -4.15
CA GLN L 152 41.63 -21.34 -4.26
C GLN L 152 41.49 -21.73 -5.74
#